data_8W4P
#
_entry.id   8W4P
#
_cell.length_a   1.00
_cell.length_b   1.00
_cell.length_c   1.00
_cell.angle_alpha   90.00
_cell.angle_beta   90.00
_cell.angle_gamma   90.00
#
_symmetry.space_group_name_H-M   'P 1'
#
loop_
_entity.id
_entity.type
_entity.pdbx_description
1 polymer 'FCPII-I, Fucoxanthin chlorophyll a/c binding protein'
2 polymer 'FCPII-K, Fucoxanthin chlorophyll a/c binding protein'
3 polymer 'FCPII-J, Fucoxanthin chlorophyll a/c binding protein'
4 non-polymer 'CHLOROPHYLL A'
5 non-polymer "(3S,3'S,5R,5'R,6S,6'R,8'R)-3,5'-dihydroxy-8-oxo-6',7'-didehydro-5,5',6,6',7,8-hexahydro-5,6-epoxy-beta,beta-caroten-3'- yl acetate"
6 non-polymer "(3S,3'R,5R,6S,7cis)-7',8'-didehydro-5,6-dihydro-5,6-epoxy-beta,beta-carotene-3,3'-diol"
#
loop_
_entity_poly.entity_id
_entity_poly.type
_entity_poly.pdbx_seq_one_letter_code
_entity_poly.pdbx_strand_id
1 'polypeptide(L)'
;SPRALPFGSAPATLDGSLVGDVGFDPIGFSTAPFASFNNPLYKEGDFMSDLEWLREAELTHGRIAQLAVLGFIWPALFGT
FPGNENFGGADAFSYVNPLEAITHVPDLAIYQIVGGMAWVEYQRVIRIKEQGKNRVSGDIGLGYPGGWNPFNLNYSPEEY
AEKQLQEIKHCRLAMIGAFGLFFQALNSGTDIVSQLSPAFAAPDYAAKAGYFLP
;
p
2 'polypeptide(L)'
;(UNK)(UNK)(UNK)(UNK)(UNK)(UNK)(UNK)(UNK)(UNK)(UNK)(UNK)(UNK)(UNK)(UNK)(UNK)(UNK)
(UNK)(UNK)(UNK)(UNK)(UNK)(UNK)(UNK)(UNK)(UNK)(UNK)(UNK)(UNK)(UNK)(UNK)(UNK)(UNK)
(UNK)(UNK)(UNK)(UNK)(UNK)(UNK)(UNK)(UNK)(UNK)(UNK)(UNK)(UNK)(UNK)(UNK)(UNK)(UNK)
(UNK)(UNK)(UNK)(UNK)(UNK)(UNK)(UNK)(UNK)(UNK)(UNK)(UNK)(UNK)(UNK)(UNK)(UNK)(UNK)
(UNK)(UNK)(UNK)(UNK)(UNK)(UNK)(UNK)(UNK)(UNK)(UNK)(UNK)(UNK)(UNK)(UNK)(UNK)(UNK)
(UNK)(UNK)(UNK)(UNK)(UNK)(UNK)(UNK)(UNK)(UNK)(UNK)(UNK)(UNK)(UNK)(UNK)(UNK)(UNK)
(UNK)(UNK)(UNK)(UNK)(UNK)(UNK)(UNK)(UNK)(UNK)(UNK)(UNK)(UNK)(UNK)(UNK)(UNK)(UNK)
(UNK)(UNK)(UNK)(UNK)(UNK)(UNK)(UNK)(UNK)(UNK)(UNK)(UNK)(UNK)(UNK)(UNK)(UNK)(UNK)
(UNK)(UNK)(UNK)(UNK)(UNK)(UNK)(UNK)(UNK)(UNK)(UNK)(UNK)(UNK)(UNK)(UNK)(UNK)(UNK)
(UNK)(UNK)(UNK)(UNK)(UNK)(UNK)(UNK)(UNK)(UNK)
;
4
3 'polypeptide(L)'
;ENEIGALAPTGFFDPAKLSDGISQEKFDQYRLAELKHGRAAMLAVLGYVAPETYRFGYDLIPGELSTRDIPNGVAALNAI
PFGGWVQMIAFVGTVEAYGWFTSPTGVLDLPADILAKRQTSELQHGRLAMLAFLELIRHDSQNLAQPGFDGYDNLITGLP
FLY
;
3
#
loop_
_chem_comp.id
_chem_comp.type
_chem_comp.name
_chem_comp.formula
A86 non-polymer '(3S,3'S,5R,5'R,6S,6'R,8'R)-3,5'-dihydroxy-8-oxo-6',7'-didehydro-5,5',6,6',7,8-hexahydro-5,6-epoxy-beta,beta-caroten-3'- yl acetate' 'C42 H58 O6'
CLA non-polymer 'CHLOROPHYLL A' 'C55 H72 Mg N4 O5'
DD6 non-polymer (3S,3'R,5R,6S,7cis)-7',8'-didehydro-5,6-dihydro-5,6-epoxy-beta,beta-carotene-3,3'-diol 'C40 H54 O3'
#
# COMPACT_ATOMS: atom_id res chain seq x y z
N SER A 1 18.23 20.67 -9.76
CA SER A 1 16.85 21.07 -9.45
C SER A 1 16.80 21.70 -8.08
N PRO A 2 16.82 23.03 -7.99
CA PRO A 2 16.89 23.66 -6.67
C PRO A 2 15.62 23.55 -5.84
N ARG A 3 14.45 23.54 -6.47
CA ARG A 3 13.21 23.27 -5.74
C ARG A 3 13.37 21.94 -5.04
N ALA A 4 13.47 20.84 -5.77
CA ALA A 4 13.80 19.58 -5.11
C ALA A 4 15.33 19.45 -5.03
N LEU A 5 15.93 20.31 -4.18
CA LEU A 5 17.38 20.59 -4.15
C LEU A 5 18.28 19.37 -4.30
N PRO A 6 18.16 18.30 -3.49
CA PRO A 6 19.01 17.12 -3.74
C PRO A 6 18.33 16.09 -4.64
N PHE A 7 17.94 16.51 -5.84
CA PHE A 7 17.31 15.57 -6.77
C PHE A 7 17.50 16.06 -8.20
N GLY A 8 17.41 15.12 -9.12
CA GLY A 8 17.46 15.41 -10.54
C GLY A 8 16.07 15.45 -11.12
N SER A 9 15.88 16.32 -12.09
CA SER A 9 14.60 16.47 -12.74
C SER A 9 14.59 15.62 -14.01
N ALA A 10 13.59 15.87 -14.87
CA ALA A 10 13.42 15.16 -16.14
C ALA A 10 14.67 15.27 -16.99
N PRO A 11 14.98 14.26 -17.82
CA PRO A 11 16.16 14.37 -18.70
C PRO A 11 16.08 15.53 -19.66
N ALA A 12 14.89 16.11 -19.84
CA ALA A 12 14.72 17.26 -20.71
C ALA A 12 13.76 18.31 -20.15
N THR A 13 13.56 18.41 -18.84
CA THR A 13 12.77 19.52 -18.33
C THR A 13 13.51 20.82 -18.62
N LEU A 14 12.77 21.83 -19.01
CA LEU A 14 13.42 23.07 -19.40
C LEU A 14 13.45 24.03 -18.22
N ASP A 15 14.32 25.04 -18.34
CA ASP A 15 14.38 26.12 -17.37
C ASP A 15 13.69 27.39 -17.85
N GLY A 16 13.48 27.55 -19.17
CA GLY A 16 12.87 28.75 -19.67
C GLY A 16 11.51 28.54 -20.33
N SER A 17 11.02 27.30 -20.31
CA SER A 17 9.77 26.98 -20.99
C SER A 17 8.59 27.68 -20.34
N LEU A 18 8.60 27.67 -19.02
CA LEU A 18 7.57 28.37 -18.26
C LEU A 18 8.24 29.12 -17.13
N VAL A 19 7.69 30.27 -16.79
CA VAL A 19 8.28 31.09 -15.75
C VAL A 19 8.57 30.27 -14.51
N GLY A 20 7.61 29.43 -14.13
CA GLY A 20 7.79 28.60 -12.96
C GLY A 20 8.64 27.42 -13.31
N ASP A 21 9.91 27.67 -13.63
CA ASP A 21 10.78 26.60 -14.05
C ASP A 21 11.94 26.42 -13.10
N VAL A 22 11.69 26.32 -11.80
CA VAL A 22 12.69 26.04 -10.78
C VAL A 22 13.16 24.59 -10.83
N GLY A 23 12.48 23.74 -11.59
CA GLY A 23 12.91 22.37 -11.76
C GLY A 23 12.07 21.39 -11.00
N PHE A 24 11.13 21.87 -10.19
CA PHE A 24 10.24 21.00 -9.44
C PHE A 24 9.41 20.19 -10.42
N ASP A 25 9.76 18.93 -10.55
CA ASP A 25 9.00 17.96 -11.31
C ASP A 25 9.46 16.57 -10.89
N PRO A 26 9.15 16.11 -9.65
CA PRO A 26 9.71 14.84 -9.17
C PRO A 26 9.34 13.64 -10.02
N ILE A 27 8.05 13.33 -10.12
CA ILE A 27 7.63 12.32 -11.09
C ILE A 27 7.74 12.92 -12.48
N GLY A 28 7.63 14.24 -12.58
CA GLY A 28 7.88 14.99 -13.79
C GLY A 28 7.09 14.48 -14.97
N PHE A 29 5.76 14.46 -14.86
CA PHE A 29 4.90 13.91 -15.89
C PHE A 29 5.06 14.65 -17.21
N SER A 30 5.70 15.80 -17.20
CA SER A 30 6.22 16.49 -18.38
C SER A 30 6.90 15.56 -19.37
N THR A 31 7.69 14.59 -18.86
CA THR A 31 8.36 13.62 -19.73
C THR A 31 7.37 12.89 -20.62
N ALA A 32 6.28 12.40 -20.00
CA ALA A 32 5.24 11.66 -20.69
C ALA A 32 4.69 12.48 -21.86
N PRO A 33 4.03 11.81 -22.81
CA PRO A 33 3.67 12.48 -24.07
C PRO A 33 2.90 13.75 -23.87
N PHE A 34 2.03 13.80 -22.84
CA PHE A 34 1.20 14.96 -22.50
C PHE A 34 0.51 15.52 -23.74
N ALA A 35 0.10 14.62 -24.64
CA ALA A 35 -0.54 15.05 -25.88
C ALA A 35 -2.05 15.14 -25.76
N SER A 36 -2.76 15.00 -26.88
CA SER A 36 -4.22 15.03 -26.86
C SER A 36 -4.73 13.83 -26.11
N PHE A 37 -4.41 13.76 -24.83
CA PHE A 37 -4.80 12.62 -24.01
C PHE A 37 -6.29 12.36 -24.15
N ASN A 38 -6.62 11.16 -24.64
CA ASN A 38 -7.99 10.78 -25.00
C ASN A 38 -8.60 11.79 -25.97
N ASN A 39 -7.87 12.04 -27.05
CA ASN A 39 -8.27 12.97 -28.11
C ASN A 39 -8.61 14.36 -27.56
N PRO A 40 -7.66 15.02 -26.90
CA PRO A 40 -7.96 16.39 -26.41
C PRO A 40 -7.81 17.43 -27.52
N LEU A 41 -8.71 17.34 -28.49
CA LEU A 41 -8.73 18.19 -29.69
C LEU A 41 -7.36 18.18 -30.37
N TYR A 42 -6.99 16.99 -30.83
CA TYR A 42 -5.65 16.77 -31.40
C TYR A 42 -5.46 17.64 -32.62
N LYS A 43 -4.25 18.15 -32.77
CA LYS A 43 -3.97 19.03 -33.89
C LYS A 43 -2.81 18.54 -34.75
N GLU A 44 -1.78 17.97 -34.13
CA GLU A 44 -0.55 17.48 -34.78
C GLU A 44 0.22 18.58 -35.51
N GLY A 45 -0.28 19.81 -35.45
CA GLY A 45 0.35 20.93 -36.13
C GLY A 45 1.35 21.59 -35.20
N ASP A 46 1.13 22.86 -34.87
CA ASP A 46 1.94 23.51 -33.84
C ASP A 46 1.81 22.76 -32.52
N PHE A 47 0.56 22.53 -32.08
CA PHE A 47 0.22 21.72 -30.91
C PHE A 47 0.88 22.23 -29.64
N MET A 48 1.33 23.48 -29.66
CA MET A 48 2.16 24.10 -28.62
C MET A 48 3.32 23.19 -28.24
N SER A 49 3.57 23.09 -26.94
CA SER A 49 4.47 22.09 -26.40
C SER A 49 3.69 21.32 -25.34
N ASP A 50 3.99 20.02 -25.23
CA ASP A 50 3.28 19.20 -24.26
C ASP A 50 3.46 19.74 -22.85
N LEU A 51 4.68 20.18 -22.55
CA LEU A 51 4.92 20.92 -21.32
C LEU A 51 4.11 22.21 -21.29
N GLU A 52 4.09 22.95 -22.40
CA GLU A 52 3.32 24.18 -22.45
C GLU A 52 1.83 23.90 -22.33
N TRP A 53 1.38 22.72 -22.76
CA TRP A 53 -0.02 22.38 -22.55
C TRP A 53 -0.30 22.12 -21.07
N LEU A 54 0.60 21.41 -20.40
CA LEU A 54 0.49 21.26 -18.95
C LEU A 54 0.57 22.61 -18.26
N ARG A 55 1.29 23.55 -18.85
CA ARG A 55 1.41 24.89 -18.30
C ARG A 55 0.10 25.64 -18.41
N GLU A 56 -0.54 25.57 -19.57
CA GLU A 56 -1.87 26.15 -19.74
C GLU A 56 -2.86 25.51 -18.78
N ALA A 57 -2.69 24.21 -18.51
CA ALA A 57 -3.54 23.52 -17.56
C ALA A 57 -3.38 24.11 -16.17
N GLU A 58 -2.13 24.23 -15.70
CA GLU A 58 -1.87 24.83 -14.40
C GLU A 58 -2.39 26.26 -14.33
N LEU A 59 -2.25 27.00 -15.43
CA LEU A 59 -2.69 28.39 -15.45
C LEU A 59 -4.20 28.48 -15.26
N THR A 60 -4.95 27.65 -16.00
CA THR A 60 -6.40 27.67 -15.88
C THR A 60 -6.82 27.29 -14.47
N HIS A 61 -6.24 26.21 -13.93
CA HIS A 61 -6.62 25.76 -12.59
C HIS A 61 -6.32 26.82 -11.54
N GLY A 62 -5.12 27.39 -11.59
CA GLY A 62 -4.72 28.34 -10.56
C GLY A 62 -5.52 29.62 -10.64
N ARG A 63 -5.84 30.08 -11.85
CA ARG A 63 -6.67 31.27 -12.00
C ARG A 63 -8.05 31.05 -11.40
N ILE A 64 -8.67 29.92 -11.76
CA ILE A 64 -10.01 29.61 -11.24
C ILE A 64 -9.96 29.49 -9.72
N ALA A 65 -8.95 28.80 -9.19
CA ALA A 65 -8.84 28.60 -7.75
C ALA A 65 -8.55 29.91 -7.02
N GLN A 66 -7.81 30.80 -7.66
CA GLN A 66 -7.56 32.12 -7.07
C GLN A 66 -8.86 32.88 -6.90
N LEU A 67 -9.68 32.91 -7.96
CA LEU A 67 -10.99 33.54 -7.84
C LEU A 67 -11.85 32.85 -6.79
N ALA A 68 -11.69 31.53 -6.68
CA ALA A 68 -12.46 30.75 -5.72
C ALA A 68 -12.16 31.16 -4.28
N VAL A 69 -10.89 31.49 -4.00
CA VAL A 69 -10.53 31.93 -2.65
C VAL A 69 -11.39 33.14 -2.25
N LEU A 70 -11.30 34.22 -3.02
CA LEU A 70 -12.08 35.42 -2.75
C LEU A 70 -13.57 35.10 -2.66
N GLY A 71 -14.04 34.18 -3.51
CA GLY A 71 -15.40 33.71 -3.36
C GLY A 71 -15.66 32.83 -2.15
N PHE A 72 -14.63 32.49 -1.38
CA PHE A 72 -14.83 31.87 -0.08
C PHE A 72 -14.69 32.84 1.09
N ILE A 73 -14.13 34.04 0.87
CA ILE A 73 -14.03 35.01 1.97
C ILE A 73 -15.08 36.13 1.86
N TRP A 74 -15.12 36.82 0.71
CA TRP A 74 -16.04 37.95 0.54
C TRP A 74 -17.51 37.62 0.82
N PRO A 75 -18.07 36.48 0.40
CA PRO A 75 -19.44 36.11 0.87
C PRO A 75 -19.63 36.23 2.35
N ALA A 76 -18.57 36.01 3.13
CA ALA A 76 -18.64 36.22 4.57
C ALA A 76 -18.11 37.59 4.99
N LEU A 77 -16.82 37.86 4.76
CA LEU A 77 -16.24 39.08 5.29
C LEU A 77 -16.60 40.29 4.43
N PHE A 78 -16.16 40.28 3.18
CA PHE A 78 -16.15 41.48 2.34
C PHE A 78 -17.49 41.60 1.63
N GLY A 79 -18.36 42.46 2.15
CA GLY A 79 -19.69 42.62 1.61
C GLY A 79 -20.74 41.83 2.36
N THR A 80 -20.29 40.95 3.27
CA THR A 80 -21.14 40.17 4.19
C THR A 80 -22.35 39.60 3.49
N PHE A 81 -22.07 38.96 2.35
CA PHE A 81 -23.07 38.41 1.44
C PHE A 81 -24.02 39.52 1.00
N PRO A 82 -23.57 40.42 0.12
CA PRO A 82 -24.50 41.41 -0.44
C PRO A 82 -25.47 40.79 -1.42
N GLY A 83 -26.14 39.71 -1.02
CA GLY A 83 -27.05 39.04 -1.92
C GLY A 83 -28.21 39.91 -2.34
N ASN A 84 -28.68 40.76 -1.40
CA ASN A 84 -29.73 41.78 -1.52
C ASN A 84 -30.83 41.33 -2.47
N GLU A 85 -31.25 40.10 -2.32
CA GLU A 85 -32.24 39.52 -3.20
C GLU A 85 -33.58 40.20 -2.96
N ASN A 86 -34.35 40.34 -4.03
CA ASN A 86 -35.67 40.95 -3.91
C ASN A 86 -36.55 40.16 -2.94
N PHE A 87 -36.40 38.84 -2.95
CA PHE A 87 -37.06 37.96 -1.99
C PHE A 87 -36.28 36.65 -1.92
N GLY A 88 -36.71 35.75 -1.04
CA GLY A 88 -36.01 34.49 -0.91
C GLY A 88 -34.67 34.57 -0.21
N GLY A 89 -34.71 34.71 1.13
CA GLY A 89 -33.47 34.81 1.90
C GLY A 89 -32.55 33.61 1.73
N ALA A 90 -33.10 32.41 1.74
CA ALA A 90 -32.31 31.24 1.34
C ALA A 90 -31.92 31.38 -0.12
N ASP A 91 -30.81 30.74 -0.49
CA ASP A 91 -30.18 30.84 -1.81
C ASP A 91 -29.66 32.24 -2.10
N ALA A 92 -29.52 33.05 -1.05
CA ALA A 92 -29.17 34.45 -1.15
C ALA A 92 -28.14 34.66 -0.05
N PHE A 93 -28.01 35.90 0.40
CA PHE A 93 -27.13 36.31 1.48
C PHE A 93 -27.04 35.32 2.65
N SER A 94 -28.20 34.79 3.07
CA SER A 94 -28.33 34.06 4.33
C SER A 94 -27.30 32.93 4.47
N TYR A 95 -27.20 32.09 3.45
CA TYR A 95 -26.21 31.01 3.51
C TYR A 95 -24.82 31.57 3.33
N VAL A 96 -24.17 31.89 4.44
CA VAL A 96 -22.78 32.37 4.45
C VAL A 96 -21.79 31.21 4.48
N ASN A 97 -22.24 30.00 4.80
CA ASN A 97 -21.39 28.83 4.66
C ASN A 97 -21.33 28.44 3.18
N PRO A 98 -20.16 28.57 2.54
CA PRO A 98 -20.09 28.45 1.06
C PRO A 98 -20.66 27.15 0.51
N LEU A 99 -20.39 26.05 1.20
CA LEU A 99 -20.98 24.77 0.85
C LEU A 99 -22.49 24.84 0.91
N GLU A 100 -23.03 25.38 2.00
CA GLU A 100 -24.49 25.52 2.12
C GLU A 100 -25.03 26.54 1.12
N ALA A 101 -24.22 27.54 0.77
CA ALA A 101 -24.63 28.51 -0.24
C ALA A 101 -24.85 27.82 -1.57
N ILE A 102 -23.95 26.91 -1.96
CA ILE A 102 -24.17 26.11 -3.15
C ILE A 102 -25.37 25.20 -2.97
N THR A 103 -25.54 24.65 -1.75
CA THR A 103 -26.67 23.77 -1.45
C THR A 103 -28.00 24.46 -1.71
N HIS A 104 -28.06 25.77 -1.56
CA HIS A 104 -29.33 26.45 -1.71
C HIS A 104 -29.57 26.97 -3.14
N VAL A 105 -28.65 27.79 -3.67
CA VAL A 105 -28.82 28.65 -4.85
C VAL A 105 -29.46 27.91 -6.03
N PRO A 106 -30.51 28.45 -6.63
CA PRO A 106 -31.23 27.70 -7.68
C PRO A 106 -30.38 27.57 -8.93
N ASP A 107 -30.77 26.60 -9.76
CA ASP A 107 -30.00 26.30 -10.96
C ASP A 107 -30.06 27.40 -12.01
N LEU A 108 -30.90 28.42 -11.79
CA LEU A 108 -30.89 29.60 -12.64
C LEU A 108 -29.51 30.23 -12.69
N ALA A 109 -29.02 30.72 -11.54
CA ALA A 109 -27.70 31.35 -11.49
C ALA A 109 -26.58 30.35 -11.72
N ILE A 110 -26.82 29.07 -11.39
CA ILE A 110 -25.82 28.04 -11.68
C ILE A 110 -25.62 27.92 -13.18
N TYR A 111 -26.71 27.86 -13.93
CA TYR A 111 -26.61 27.84 -15.39
C TYR A 111 -26.12 29.18 -15.93
N GLN A 112 -26.38 30.28 -15.23
CA GLN A 112 -25.83 31.58 -15.63
C GLN A 112 -24.31 31.53 -15.66
N ILE A 113 -23.69 31.23 -14.51
CA ILE A 113 -22.24 31.17 -14.43
C ILE A 113 -21.69 30.01 -15.26
N VAL A 114 -22.46 28.93 -15.40
CA VAL A 114 -22.04 27.81 -16.22
C VAL A 114 -21.91 28.24 -17.68
N GLY A 115 -22.92 28.92 -18.21
CA GLY A 115 -22.84 29.47 -19.55
C GLY A 115 -21.81 30.58 -19.67
N GLY A 116 -21.55 31.29 -18.59
CA GLY A 116 -20.52 32.31 -18.58
C GLY A 116 -19.14 31.73 -18.84
N MET A 117 -18.73 30.80 -17.97
CA MET A 117 -17.48 30.08 -18.20
C MET A 117 -17.53 29.24 -19.46
N ALA A 118 -18.73 28.88 -19.93
CA ALA A 118 -18.85 28.15 -21.18
C ALA A 118 -18.45 29.02 -22.37
N TRP A 119 -18.98 30.24 -22.44
CA TRP A 119 -18.53 31.18 -23.45
C TRP A 119 -17.06 31.53 -23.27
N VAL A 120 -16.59 31.56 -22.02
CA VAL A 120 -15.18 31.82 -21.76
C VAL A 120 -14.31 30.77 -22.44
N GLU A 121 -14.60 29.49 -22.20
CA GLU A 121 -13.79 28.44 -22.78
C GLU A 121 -14.05 28.29 -24.28
N TYR A 122 -15.23 28.68 -24.74
CA TYR A 122 -15.51 28.69 -26.18
C TYR A 122 -14.59 29.67 -26.88
N GLN A 123 -14.47 30.89 -26.33
CA GLN A 123 -13.55 31.86 -26.90
C GLN A 123 -12.10 31.43 -26.74
N ARG A 124 -11.79 30.76 -25.62
CA ARG A 124 -10.45 30.25 -25.40
C ARG A 124 -10.06 29.23 -26.47
N VAL A 125 -10.97 28.30 -26.77
CA VAL A 125 -10.71 27.31 -27.81
C VAL A 125 -10.67 27.98 -29.18
N ILE A 126 -11.53 28.96 -29.41
CA ILE A 126 -11.57 29.67 -30.69
C ILE A 126 -10.23 30.32 -30.96
N ARG A 127 -9.65 30.96 -29.94
CA ARG A 127 -8.29 31.48 -30.05
C ARG A 127 -7.30 30.34 -30.29
N ILE A 128 -7.19 29.44 -29.30
CA ILE A 128 -6.05 28.51 -29.22
C ILE A 128 -6.01 27.56 -30.42
N LYS A 129 -7.18 27.13 -30.89
CA LYS A 129 -7.25 26.26 -32.07
C LYS A 129 -6.57 26.92 -33.26
N GLU A 130 -6.73 28.23 -33.40
CA GLU A 130 -5.94 28.98 -34.37
C GLU A 130 -4.67 29.54 -33.77
N GLN A 131 -4.67 29.93 -32.50
CA GLN A 131 -3.49 30.53 -31.87
C GLN A 131 -2.46 29.43 -31.64
N GLY A 132 -1.78 29.08 -32.72
CA GLY A 132 -0.66 28.17 -32.64
C GLY A 132 0.57 28.91 -32.15
N LYS A 133 1.73 28.63 -32.76
CA LYS A 133 3.02 29.22 -32.40
C LYS A 133 3.23 29.20 -30.89
N ASN A 134 3.10 30.36 -30.27
CA ASN A 134 3.02 30.48 -28.82
C ASN A 134 1.55 30.53 -28.44
N ARG A 135 1.01 29.41 -27.95
CA ARG A 135 -0.36 29.40 -27.46
C ARG A 135 -0.53 30.38 -26.31
N VAL A 136 0.55 30.63 -25.55
CA VAL A 136 0.71 31.57 -24.45
C VAL A 136 -0.55 31.61 -23.59
N SER A 137 -0.91 30.43 -23.06
CA SER A 137 -2.05 30.24 -22.17
C SER A 137 -3.37 30.68 -22.81
N GLY A 138 -3.44 30.54 -24.14
CA GLY A 138 -4.62 30.92 -24.89
C GLY A 138 -4.98 32.37 -24.64
N ASP A 139 -3.96 33.24 -24.63
CA ASP A 139 -4.12 34.60 -24.13
C ASP A 139 -5.18 35.33 -24.92
N ILE A 140 -5.08 35.27 -26.25
CA ILE A 140 -5.96 35.98 -27.18
C ILE A 140 -5.93 37.46 -26.82
N GLY A 141 -7.11 38.03 -26.62
CA GLY A 141 -7.19 39.45 -26.33
C GLY A 141 -7.31 39.77 -24.85
N LEU A 142 -7.56 38.76 -24.00
CA LEU A 142 -7.96 38.99 -22.62
C LEU A 142 -6.89 39.78 -21.88
N GLY A 143 -7.17 41.06 -21.61
CA GLY A 143 -6.20 41.95 -21.00
C GLY A 143 -4.78 41.90 -21.53
N TYR A 144 -4.60 41.53 -22.80
CA TYR A 144 -3.28 41.40 -23.43
C TYR A 144 -2.72 42.80 -23.62
N PRO A 145 -1.51 42.95 -24.18
CA PRO A 145 -0.99 44.31 -24.39
C PRO A 145 -1.93 45.16 -25.24
N GLY A 146 -2.58 44.54 -26.22
CA GLY A 146 -3.66 45.18 -26.95
C GLY A 146 -4.88 45.45 -26.09
N GLY A 147 -5.06 44.72 -24.98
CA GLY A 147 -6.11 44.99 -24.02
C GLY A 147 -7.50 45.03 -24.62
N TRP A 148 -8.04 43.87 -25.00
CA TRP A 148 -9.29 43.79 -25.75
C TRP A 148 -10.46 44.47 -25.06
N ASN A 149 -10.31 44.85 -23.80
CA ASN A 149 -11.27 45.57 -22.99
C ASN A 149 -10.64 46.82 -22.36
N PRO A 150 -11.38 47.54 -21.51
CA PRO A 150 -10.91 48.81 -20.94
C PRO A 150 -9.53 48.78 -20.31
N PHE A 151 -8.89 49.96 -20.27
CA PHE A 151 -7.54 50.15 -19.74
C PHE A 151 -6.59 49.15 -20.36
N ASN A 152 -6.61 49.11 -21.70
CA ASN A 152 -5.80 48.19 -22.50
C ASN A 152 -4.36 48.19 -22.03
N LEU A 153 -3.86 46.99 -21.71
CA LEU A 153 -2.71 46.81 -20.83
C LEU A 153 -1.54 47.66 -21.27
N ASN A 154 -1.07 48.48 -20.34
CA ASN A 154 -0.08 49.52 -20.61
C ASN A 154 1.06 49.29 -19.63
N TYR A 155 1.99 48.42 -20.01
CA TYR A 155 3.13 48.09 -19.17
C TYR A 155 4.32 47.83 -20.07
N SER A 156 5.44 47.47 -19.45
CA SER A 156 6.70 47.27 -20.14
C SER A 156 7.02 45.78 -20.24
N PRO A 157 7.89 45.37 -21.17
CA PRO A 157 8.21 43.93 -21.28
C PRO A 157 8.86 43.36 -20.03
N GLU A 158 9.71 44.14 -19.35
CA GLU A 158 10.22 43.69 -18.05
C GLU A 158 9.11 43.66 -17.01
N GLU A 159 8.24 44.67 -17.01
CA GLU A 159 7.06 44.61 -16.15
C GLU A 159 6.17 43.45 -16.55
N TYR A 160 6.09 43.15 -17.85
CA TYR A 160 5.31 42.00 -18.29
C TYR A 160 5.90 40.69 -17.77
N ALA A 161 7.24 40.59 -17.75
CA ALA A 161 7.89 39.41 -17.20
C ALA A 161 7.55 39.24 -15.73
N GLU A 162 7.68 40.33 -14.96
CA GLU A 162 7.33 40.30 -13.55
C GLU A 162 5.86 39.96 -13.35
N LYS A 163 4.99 40.47 -14.24
CA LYS A 163 3.55 40.22 -14.11
C LYS A 163 3.22 38.75 -14.39
N GLN A 164 3.87 38.16 -15.40
CA GLN A 164 3.73 36.73 -15.62
C GLN A 164 4.12 35.95 -14.38
N LEU A 165 5.23 36.36 -13.76
CA LEU A 165 5.67 35.73 -12.52
C LEU A 165 4.61 35.85 -11.42
N GLN A 166 4.08 37.05 -11.25
CA GLN A 166 3.05 37.32 -10.24
C GLN A 166 1.87 36.38 -10.41
N GLU A 167 1.33 36.35 -11.64
CA GLU A 167 0.15 35.55 -11.90
C GLU A 167 0.43 34.09 -11.63
N ILE A 168 1.53 33.56 -12.19
CA ILE A 168 1.82 32.13 -12.07
C ILE A 168 1.95 31.73 -10.60
N LYS A 169 2.71 32.51 -9.84
CA LYS A 169 2.92 32.19 -8.43
C LYS A 169 1.62 32.22 -7.65
N HIS A 170 0.86 33.32 -7.81
CA HIS A 170 -0.40 33.48 -7.09
C HIS A 170 -1.37 32.36 -7.41
N CYS A 171 -1.40 31.94 -8.67
CA CYS A 171 -2.25 30.85 -9.07
C CYS A 171 -1.85 29.56 -8.37
N ARG A 172 -0.54 29.27 -8.29
CA ARG A 172 -0.10 28.04 -7.62
C ARG A 172 -0.44 28.06 -6.13
N LEU A 173 -0.12 29.17 -5.47
CA LEU A 173 -0.38 29.28 -4.04
C LEU A 173 -1.87 29.23 -3.74
N ALA A 174 -2.67 29.83 -4.62
CA ALA A 174 -4.11 29.78 -4.45
C ALA A 174 -4.66 28.38 -4.70
N MET A 175 -4.01 27.63 -5.59
CA MET A 175 -4.40 26.25 -5.78
C MET A 175 -4.23 25.47 -4.48
N ILE A 176 -3.18 25.80 -3.72
CA ILE A 176 -3.09 25.26 -2.35
C ILE A 176 -4.23 25.78 -1.48
N GLY A 177 -4.44 27.10 -1.50
CA GLY A 177 -5.34 27.72 -0.54
C GLY A 177 -6.80 27.31 -0.70
N ALA A 178 -7.23 27.09 -1.94
CA ALA A 178 -8.61 26.68 -2.19
C ALA A 178 -8.89 25.31 -1.57
N PHE A 179 -7.95 24.37 -1.76
CA PHE A 179 -8.00 23.09 -1.06
C PHE A 179 -8.13 23.32 0.43
N GLY A 180 -7.28 24.21 0.95
CA GLY A 180 -7.29 24.58 2.36
C GLY A 180 -8.70 24.91 2.81
N LEU A 181 -9.23 26.04 2.31
CA LEU A 181 -10.54 26.56 2.71
C LEU A 181 -11.64 25.51 2.57
N PHE A 182 -11.62 24.75 1.46
CA PHE A 182 -12.70 23.80 1.22
C PHE A 182 -12.71 22.69 2.26
N PHE A 183 -11.55 22.05 2.46
CA PHE A 183 -11.48 20.98 3.46
C PHE A 183 -11.74 21.54 4.85
N GLN A 184 -11.34 22.79 5.09
CA GLN A 184 -11.64 23.47 6.35
C GLN A 184 -13.13 23.49 6.61
N ALA A 185 -13.87 24.15 5.72
CA ALA A 185 -15.29 24.39 5.94
C ALA A 185 -16.06 23.08 5.99
N LEU A 186 -15.75 22.15 5.08
CA LEU A 186 -16.44 20.86 5.07
C LEU A 186 -16.20 20.12 6.38
N ASN A 187 -14.97 20.12 6.87
CA ASN A 187 -14.64 19.45 8.11
C ASN A 187 -14.88 20.32 9.33
N SER A 188 -15.60 21.43 9.17
CA SER A 188 -16.04 22.20 10.32
C SER A 188 -17.48 22.69 10.23
N GLY A 189 -18.13 22.59 9.07
CA GLY A 189 -19.52 22.97 8.92
C GLY A 189 -19.78 24.42 9.24
N THR A 190 -18.89 25.30 8.81
CA THR A 190 -18.90 26.70 9.22
C THR A 190 -18.41 27.54 8.05
N ASP A 191 -18.03 28.78 8.34
CA ASP A 191 -17.33 29.64 7.39
C ASP A 191 -16.10 30.19 8.11
N ILE A 192 -15.07 30.55 7.31
CA ILE A 192 -13.74 30.90 7.82
C ILE A 192 -13.81 31.96 8.92
N VAL A 193 -14.80 32.87 8.82
CA VAL A 193 -14.99 33.91 9.82
C VAL A 193 -15.23 33.30 11.20
N SER A 194 -16.02 32.22 11.25
CA SER A 194 -16.38 31.61 12.52
C SER A 194 -15.16 31.17 13.31
N GLN A 195 -14.34 30.27 12.74
CA GLN A 195 -13.21 29.80 13.53
C GLN A 195 -12.18 30.89 13.74
N LEU A 196 -11.96 31.77 12.74
CA LEU A 196 -10.89 32.74 12.92
C LEU A 196 -11.25 33.81 13.96
N SER A 197 -12.54 34.14 14.11
CA SER A 197 -12.85 35.23 15.03
C SER A 197 -12.89 34.79 16.50
N PRO A 198 -13.69 33.73 16.94
CA PRO A 198 -13.36 33.07 18.22
C PRO A 198 -11.90 32.73 18.48
N ALA A 199 -11.08 32.51 17.46
CA ALA A 199 -9.65 32.31 17.71
C ALA A 199 -9.01 33.59 18.23
N PHE A 200 -9.21 34.72 17.53
CA PHE A 200 -8.58 35.98 17.88
C PHE A 200 -9.23 36.64 19.09
N ALA A 201 -10.10 35.94 19.79
CA ALA A 201 -10.82 36.41 20.95
C ALA A 201 -10.32 35.71 22.20
N ALA A 202 -11.01 35.93 23.31
CA ALA A 202 -10.78 35.21 24.55
C ALA A 202 -11.99 34.36 24.86
N PRO A 203 -11.83 33.06 25.12
CA PRO A 203 -12.99 32.19 25.33
C PRO A 203 -13.88 32.69 26.47
N ASP A 204 -15.18 32.48 26.30
CA ASP A 204 -16.13 32.99 27.30
C ASP A 204 -15.97 32.27 28.63
N TYR A 205 -15.40 31.07 28.62
CA TYR A 205 -15.17 30.31 29.85
C TYR A 205 -14.29 31.08 30.82
N ALA A 206 -13.28 31.77 30.32
CA ALA A 206 -12.38 32.54 31.16
C ALA A 206 -12.30 33.98 30.66
N ALA A 207 -12.76 34.92 31.46
CA ALA A 207 -12.63 36.32 31.11
C ALA A 207 -12.21 37.20 32.29
N LYS A 208 -11.99 36.63 33.47
CA LYS A 208 -11.68 37.36 34.71
C LYS A 208 -12.75 38.41 35.00
N ALA A 209 -13.99 38.11 34.60
CA ALA A 209 -15.13 39.02 34.63
C ALA A 209 -14.74 40.38 34.07
N GLY A 210 -15.04 41.45 34.82
CA GLY A 210 -14.59 42.78 34.48
C GLY A 210 -13.96 43.44 35.69
N TYR A 211 -13.38 44.61 35.45
CA TYR A 211 -12.75 45.38 36.52
C TYR A 211 -13.82 46.07 37.36
N PHE A 212 -14.55 45.25 38.12
CA PHE A 212 -15.57 45.73 39.04
C PHE A 212 -14.98 46.30 40.31
N LEU A 213 -13.66 46.50 40.33
CA LEU A 213 -12.92 47.00 41.49
C LEU A 213 -13.43 48.39 41.88
N PRO A 214 -13.29 48.77 43.16
CA PRO A 214 -13.60 50.07 43.75
C PRO A 214 -12.94 51.23 43.01
N UNK B 1 21.01 -39.44 -3.67
CA UNK B 1 19.81 -40.21 -4.00
C UNK B 1 19.41 -41.12 -2.85
N UNK B 2 18.14 -41.52 -2.79
CA UNK B 2 17.68 -42.44 -1.74
C UNK B 2 16.63 -43.41 -2.27
N UNK B 3 16.86 -43.97 -3.45
CA UNK B 3 15.89 -44.88 -4.04
C UNK B 3 15.70 -46.18 -3.29
N UNK B 4 14.71 -46.96 -3.68
CA UNK B 4 14.42 -48.23 -3.04
C UNK B 4 13.16 -48.71 -3.71
N UNK B 5 12.23 -49.29 -2.96
CA UNK B 5 10.96 -49.62 -3.57
C UNK B 5 10.41 -48.27 -3.98
N UNK B 6 9.95 -48.13 -5.22
CA UNK B 6 9.49 -46.82 -5.71
C UNK B 6 10.69 -45.91 -5.94
N UNK B 7 10.45 -44.64 -6.25
CA UNK B 7 11.60 -43.78 -6.56
C UNK B 7 11.37 -42.28 -6.67
N UNK B 8 10.70 -41.83 -7.72
CA UNK B 8 10.58 -40.40 -7.95
C UNK B 8 9.58 -39.78 -6.98
N UNK B 9 9.45 -38.46 -7.05
CA UNK B 9 8.56 -37.74 -6.16
C UNK B 9 7.10 -38.00 -6.54
N UNK B 10 6.30 -38.37 -5.54
CA UNK B 10 4.86 -38.45 -5.74
C UNK B 10 4.26 -37.08 -6.01
N UNK B 11 4.84 -36.04 -5.40
CA UNK B 11 4.35 -34.69 -5.63
C UNK B 11 4.67 -34.20 -7.03
N UNK B 12 5.71 -34.76 -7.66
CA UNK B 12 6.27 -34.40 -8.96
C UNK B 12 6.87 -33.00 -8.95
N UNK B 13 6.81 -32.29 -7.82
CA UNK B 13 7.43 -31.00 -7.68
C UNK B 13 8.95 -31.09 -7.69
N UNK B 14 9.50 -32.28 -7.48
CA UNK B 14 10.95 -32.46 -7.59
C UNK B 14 11.46 -32.23 -9.00
N UNK B 15 10.57 -32.17 -9.99
CA UNK B 15 10.91 -31.73 -11.34
C UNK B 15 11.37 -30.27 -11.40
N UNK B 16 11.37 -29.60 -10.23
CA UNK B 16 11.84 -28.22 -10.06
C UNK B 16 13.22 -27.98 -10.67
N UNK B 17 14.07 -29.00 -10.71
CA UNK B 17 15.42 -28.96 -11.26
C UNK B 17 16.31 -27.95 -10.52
N UNK B 18 16.63 -28.31 -9.27
CA UNK B 18 17.62 -27.59 -8.51
C UNK B 18 18.43 -28.58 -7.66
N UNK B 19 19.66 -28.17 -7.32
CA UNK B 19 20.55 -28.95 -6.46
C UNK B 19 20.35 -28.59 -4.99
N UNK B 20 20.24 -27.28 -4.71
CA UNK B 20 19.88 -26.85 -3.38
C UNK B 20 18.50 -27.35 -2.98
N UNK B 21 17.65 -27.68 -3.96
CA UNK B 21 16.42 -28.41 -3.71
C UNK B 21 16.72 -29.69 -2.92
N UNK B 22 17.56 -30.54 -3.49
CA UNK B 22 17.98 -31.77 -2.84
C UNK B 22 18.58 -31.46 -1.47
N UNK B 23 19.47 -30.48 -1.41
CA UNK B 23 20.18 -30.18 -0.16
C UNK B 23 19.22 -29.76 0.94
N UNK B 24 18.51 -28.64 0.73
CA UNK B 24 17.64 -28.08 1.76
C UNK B 24 16.49 -29.01 2.09
N UNK B 25 15.88 -29.64 1.09
CA UNK B 25 14.75 -30.51 1.37
C UNK B 25 15.18 -31.75 2.14
N UNK B 26 16.29 -32.38 1.75
CA UNK B 26 16.79 -33.51 2.52
C UNK B 26 17.23 -33.07 3.90
N UNK B 27 17.73 -31.84 4.04
CA UNK B 27 18.12 -31.33 5.34
C UNK B 27 16.93 -31.23 6.28
N UNK B 28 15.82 -30.66 5.78
CA UNK B 28 14.62 -30.56 6.61
C UNK B 28 14.04 -31.93 6.92
N UNK B 29 14.10 -32.84 5.94
CA UNK B 29 13.62 -34.20 6.16
C UNK B 29 14.39 -34.88 7.27
N UNK B 30 15.73 -34.84 7.21
CA UNK B 30 16.54 -35.47 8.23
C UNK B 30 16.45 -34.74 9.56
N UNK B 31 16.14 -33.44 9.54
CA UNK B 31 15.94 -32.72 10.79
C UNK B 31 14.69 -33.21 11.51
N UNK B 32 13.59 -33.37 10.78
CA UNK B 32 12.38 -33.90 11.39
C UNK B 32 12.56 -35.36 11.83
N UNK B 33 13.25 -36.12 10.98
CA UNK B 33 13.72 -37.48 11.24
C UNK B 33 14.27 -37.67 12.65
N UNK B 34 15.28 -36.83 12.94
CA UNK B 34 16.00 -36.95 14.19
C UNK B 34 15.16 -36.64 15.41
N UNK B 35 13.94 -36.13 15.24
CA UNK B 35 13.06 -35.83 16.37
C UNK B 35 11.94 -36.85 16.53
N UNK B 36 11.45 -37.38 15.42
CA UNK B 36 10.31 -38.29 15.51
C UNK B 36 10.71 -39.63 16.10
N UNK B 37 11.94 -40.08 15.79
CA UNK B 37 12.45 -41.29 16.45
C UNK B 37 12.52 -41.10 17.98
N UNK B 38 13.00 -39.94 18.40
CA UNK B 38 13.00 -39.59 19.82
C UNK B 38 11.59 -39.55 20.38
N UNK B 39 10.61 -39.16 19.56
CA UNK B 39 9.22 -39.17 20.01
C UNK B 39 8.73 -40.60 20.27
N UNK B 40 9.12 -41.54 19.40
CA UNK B 40 8.74 -42.94 19.63
C UNK B 40 9.40 -43.48 20.90
N UNK B 41 10.66 -43.12 21.13
CA UNK B 41 11.31 -43.55 22.37
C UNK B 41 10.70 -42.88 23.60
N UNK B 42 10.20 -41.65 23.45
CA UNK B 42 9.47 -41.00 24.52
C UNK B 42 8.14 -41.69 24.80
N UNK B 43 7.48 -42.15 23.73
CA UNK B 43 6.28 -42.96 23.89
C UNK B 43 6.59 -44.23 24.65
N UNK B 44 7.78 -44.79 24.39
CA UNK B 44 8.24 -45.93 25.19
C UNK B 44 8.41 -45.54 26.66
N UNK B 45 8.95 -44.33 26.91
CA UNK B 45 9.37 -43.91 28.25
C UNK B 45 8.30 -44.20 29.30
N UNK B 46 7.10 -43.62 29.13
CA UNK B 46 6.03 -43.87 30.10
C UNK B 46 5.65 -45.34 30.10
N UNK B 47 6.15 -46.06 31.11
CA UNK B 47 6.06 -47.51 31.25
C UNK B 47 6.69 -47.90 32.58
N UNK B 48 6.39 -49.13 33.01
CA UNK B 48 6.97 -49.66 34.24
C UNK B 48 8.47 -49.89 34.05
N UNK B 49 9.28 -49.33 34.96
CA UNK B 49 10.73 -49.36 35.01
C UNK B 49 11.37 -48.60 33.85
N UNK B 50 10.60 -48.03 32.93
CA UNK B 50 11.15 -47.29 31.82
C UNK B 50 11.17 -45.79 32.09
N UNK B 51 10.00 -45.19 32.37
CA UNK B 51 9.96 -43.77 32.71
C UNK B 51 10.70 -43.56 34.02
N UNK B 52 10.10 -44.06 35.10
CA UNK B 52 10.60 -43.93 36.46
C UNK B 52 11.03 -42.49 36.69
N UNK B 53 12.29 -42.27 37.11
CA UNK B 53 12.85 -40.94 37.41
C UNK B 53 11.92 -40.16 38.31
N UNK B 54 11.26 -39.16 37.74
CA UNK B 54 10.25 -38.26 38.30
C UNK B 54 10.88 -37.15 39.14
N UNK B 55 12.20 -37.19 39.37
CA UNK B 55 12.80 -36.46 40.49
C UNK B 55 12.68 -34.95 40.34
N UNK B 56 13.04 -34.43 39.16
CA UNK B 56 12.90 -33.03 38.78
C UNK B 56 13.42 -32.11 39.90
N UNK B 57 12.71 -31.03 40.22
CA UNK B 57 12.99 -30.17 41.37
C UNK B 57 12.42 -30.75 42.65
N UNK B 58 12.04 -29.86 43.57
CA UNK B 58 11.24 -30.19 44.75
C UNK B 58 10.09 -31.17 44.48
N UNK B 59 9.53 -31.17 43.26
CA UNK B 59 8.50 -32.13 42.88
C UNK B 59 9.17 -33.37 42.27
N UNK B 60 9.28 -34.43 43.07
CA UNK B 60 9.86 -35.70 42.60
C UNK B 60 8.78 -36.69 42.15
N UNK B 61 7.88 -36.27 41.28
CA UNK B 61 6.70 -37.07 40.97
C UNK B 61 6.40 -37.27 39.49
N UNK B 62 7.09 -36.53 38.60
CA UNK B 62 6.78 -36.51 37.15
C UNK B 62 5.31 -36.28 36.91
N UNK B 63 4.72 -35.40 37.73
CA UNK B 63 3.26 -35.25 37.82
C UNK B 63 2.63 -36.60 38.05
N UNK B 64 2.75 -37.10 39.28
CA UNK B 64 2.30 -38.41 39.75
C UNK B 64 1.02 -38.87 39.08
N UNK B 65 0.02 -38.00 38.98
CA UNK B 65 -1.16 -38.27 38.16
C UNK B 65 -1.04 -37.65 36.77
N UNK B 66 0.06 -37.88 36.05
CA UNK B 66 0.17 -37.52 34.63
C UNK B 66 1.39 -38.22 34.03
N UNK B 67 1.48 -38.09 32.70
CA UNK B 67 2.37 -38.87 31.85
C UNK B 67 2.74 -37.96 30.68
N UNK B 68 3.08 -38.54 29.53
CA UNK B 68 3.45 -37.73 28.38
C UNK B 68 2.25 -36.94 27.87
N UNK B 69 1.84 -35.94 28.64
CA UNK B 69 0.65 -35.17 28.33
C UNK B 69 0.87 -34.41 27.04
N UNK B 70 0.02 -34.68 26.06
CA UNK B 70 0.14 -34.02 24.77
C UNK B 70 -0.27 -32.57 24.90
N UNK B 71 0.16 -31.78 23.92
CA UNK B 71 -0.15 -30.34 23.84
C UNK B 71 0.25 -29.65 25.14
N UNK B 72 1.58 -29.53 25.33
CA UNK B 72 2.14 -28.97 26.56
C UNK B 72 1.89 -29.83 27.78
N UNK B 73 2.79 -30.78 28.04
CA UNK B 73 2.75 -31.65 29.23
C UNK B 73 2.25 -30.93 30.48
N UNK B 74 2.65 -29.66 30.66
CA UNK B 74 2.22 -28.74 31.72
C UNK B 74 2.76 -29.21 33.07
N UNK B 75 3.35 -30.39 33.05
CA UNK B 75 3.92 -31.09 34.18
C UNK B 75 5.37 -30.70 34.38
N UNK B 76 6.10 -30.70 33.27
CA UNK B 76 7.46 -30.19 33.19
C UNK B 76 7.54 -28.87 33.94
N UNK B 77 8.44 -28.81 34.92
CA UNK B 77 8.42 -27.72 35.88
C UNK B 77 8.63 -26.39 35.15
N UNK B 78 8.26 -25.30 35.83
CA UNK B 78 8.15 -24.02 35.15
C UNK B 78 9.47 -23.59 34.52
N UNK B 79 10.54 -23.58 35.32
CA UNK B 79 11.86 -23.22 34.79
C UNK B 79 12.37 -24.24 33.79
N UNK B 80 11.94 -25.49 33.93
CA UNK B 80 12.43 -26.60 33.11
C UNK B 80 12.20 -26.36 31.63
N UNK B 81 10.98 -25.99 31.28
CA UNK B 81 10.60 -25.94 29.88
C UNK B 81 11.43 -24.91 29.14
N UNK B 82 11.60 -23.73 29.74
CA UNK B 82 12.45 -22.71 29.13
C UNK B 82 13.90 -23.16 29.11
N UNK B 83 14.35 -23.91 30.11
CA UNK B 83 15.71 -24.43 30.08
C UNK B 83 15.90 -25.35 28.87
N UNK B 84 14.93 -26.22 28.62
CA UNK B 84 14.99 -27.12 27.48
C UNK B 84 14.99 -26.34 26.18
N UNK B 85 14.12 -25.33 26.09
CA UNK B 85 14.03 -24.53 24.86
C UNK B 85 15.34 -23.79 24.58
N UNK B 86 15.94 -23.21 25.61
CA UNK B 86 17.15 -22.43 25.40
C UNK B 86 18.35 -23.32 25.07
N UNK B 87 18.43 -24.51 25.69
CA UNK B 87 19.49 -25.43 25.31
C UNK B 87 19.30 -25.91 23.87
N UNK B 88 18.05 -26.11 23.46
CA UNK B 88 17.78 -26.44 22.07
C UNK B 88 18.23 -25.32 21.14
N UNK B 89 18.02 -24.06 21.55
CA UNK B 89 18.48 -22.93 20.75
C UNK B 89 20.01 -22.91 20.64
N UNK B 90 20.69 -23.17 21.75
CA UNK B 90 22.14 -23.21 21.74
C UNK B 90 22.64 -24.30 20.80
N UNK B 91 21.96 -25.46 20.81
CA UNK B 91 22.28 -26.50 19.83
C UNK B 91 22.04 -26.02 18.41
N UNK B 92 20.91 -25.34 18.18
CA UNK B 92 20.54 -24.88 16.83
C UNK B 92 21.57 -23.92 16.29
N UNK B 93 22.20 -23.13 17.16
CA UNK B 93 23.33 -22.33 16.72
C UNK B 93 24.55 -23.21 16.45
N UNK B 94 25.02 -23.93 17.48
CA UNK B 94 26.31 -24.61 17.37
C UNK B 94 26.23 -25.94 16.63
N UNK B 95 25.46 -26.89 17.16
CA UNK B 95 25.41 -28.23 16.57
C UNK B 95 24.78 -28.19 15.18
N UNK B 96 23.63 -27.56 15.07
CA UNK B 96 22.95 -27.43 13.78
C UNK B 96 23.55 -26.34 12.90
N UNK B 97 24.76 -25.85 13.19
CA UNK B 97 25.50 -25.04 12.21
C UNK B 97 26.01 -25.86 11.06
N UNK B 98 25.60 -27.12 11.01
CA UNK B 98 25.98 -28.03 9.93
C UNK B 98 27.49 -28.13 9.82
N UNK B 99 28.12 -28.25 10.99
CA UNK B 99 29.57 -28.47 11.11
C UNK B 99 30.37 -27.33 10.51
N UNK B 100 29.80 -26.13 10.52
CA UNK B 100 30.24 -25.02 9.67
C UNK B 100 30.37 -25.55 8.24
N UNK B 101 31.61 -25.76 7.78
CA UNK B 101 31.86 -26.49 6.53
C UNK B 101 32.95 -27.53 6.78
N UNK B 102 32.57 -28.68 7.34
CA UNK B 102 33.56 -29.72 7.59
C UNK B 102 32.97 -31.13 7.47
N UNK B 103 32.16 -31.40 6.44
CA UNK B 103 31.62 -32.75 6.32
C UNK B 103 31.25 -33.08 4.88
N UNK B 104 31.05 -34.39 4.66
CA UNK B 104 30.82 -34.93 3.32
C UNK B 104 29.42 -34.62 2.82
N UNK B 105 28.41 -34.75 3.67
CA UNK B 105 27.04 -34.55 3.27
C UNK B 105 26.51 -33.26 3.88
N UNK B 106 25.89 -32.42 3.05
CA UNK B 106 25.29 -31.18 3.55
C UNK B 106 24.19 -31.48 4.56
N UNK B 107 23.40 -32.52 4.30
CA UNK B 107 22.53 -33.05 5.34
C UNK B 107 23.37 -33.80 6.36
N UNK B 108 23.15 -33.52 7.65
CA UNK B 108 23.83 -34.20 8.76
C UNK B 108 25.35 -34.04 8.69
N UNK B 109 25.84 -32.87 9.08
CA UNK B 109 27.27 -32.57 9.01
C UNK B 109 27.90 -32.57 10.40
N UNK B 110 28.99 -33.34 10.56
CA UNK B 110 29.73 -33.44 11.82
C UNK B 110 31.08 -32.75 11.68
N UNK B 111 31.42 -31.91 12.66
CA UNK B 111 32.55 -30.99 12.50
C UNK B 111 33.89 -31.61 12.84
N UNK B 112 34.18 -32.78 12.26
CA UNK B 112 35.40 -33.54 12.52
C UNK B 112 35.63 -33.65 14.02
N UNK B 113 34.69 -34.34 14.66
CA UNK B 113 34.51 -34.41 16.10
C UNK B 113 34.63 -35.88 16.45
N UNK B 114 34.06 -36.26 17.60
CA UNK B 114 34.08 -37.64 18.11
C UNK B 114 33.97 -38.68 17.00
N UNK B 115 34.88 -39.63 17.01
CA UNK B 115 35.09 -40.55 15.89
C UNK B 115 34.62 -41.93 16.28
N UNK B 116 33.85 -42.56 15.38
CA UNK B 116 33.35 -43.92 15.59
C UNK B 116 33.81 -44.86 14.49
N UNK B 117 34.88 -44.51 13.78
CA UNK B 117 35.43 -45.25 12.64
C UNK B 117 34.37 -45.42 11.56
N UNK B 118 33.90 -44.28 11.04
CA UNK B 118 32.90 -44.29 9.98
C UNK B 118 33.47 -44.86 8.68
N UNK B 119 34.71 -44.51 8.35
CA UNK B 119 35.34 -44.98 7.12
C UNK B 119 35.74 -46.45 7.19
N UNK B 120 35.69 -47.07 8.37
CA UNK B 120 36.06 -48.48 8.50
C UNK B 120 35.10 -49.37 7.72
N UNK B 121 33.80 -49.09 7.80
CA UNK B 121 32.82 -49.88 7.08
C UNK B 121 32.88 -49.56 5.58
N UNK B 122 32.27 -50.45 4.79
CA UNK B 122 32.27 -50.30 3.34
C UNK B 122 31.34 -49.16 2.92
N UNK B 123 31.26 -48.93 1.61
CA UNK B 123 30.46 -47.84 1.07
C UNK B 123 29.00 -48.22 0.85
N UNK B 124 28.75 -49.46 0.41
CA UNK B 124 27.38 -49.93 0.27
C UNK B 124 26.67 -49.93 1.61
N UNK B 125 27.37 -50.33 2.66
CA UNK B 125 26.82 -50.18 4.01
C UNK B 125 26.75 -48.71 4.42
N UNK B 126 27.67 -47.87 3.91
CA UNK B 126 27.61 -46.44 4.19
C UNK B 126 26.39 -45.79 3.54
N UNK B 127 25.76 -46.46 2.59
CA UNK B 127 24.46 -46.06 2.09
C UNK B 127 23.29 -46.79 2.76
N UNK B 128 23.50 -48.05 3.14
CA UNK B 128 22.45 -48.80 3.83
C UNK B 128 22.12 -48.17 5.18
N UNK B 129 23.12 -47.59 5.83
CA UNK B 129 22.88 -46.86 7.08
C UNK B 129 21.97 -45.66 6.85
N UNK B 130 22.24 -44.89 5.80
CA UNK B 130 21.40 -43.73 5.50
C UNK B 130 19.98 -44.17 5.13
N UNK B 131 19.87 -45.27 4.40
CA UNK B 131 18.55 -45.79 4.03
C UNK B 131 17.75 -46.18 5.27
N UNK B 132 18.39 -46.91 6.19
CA UNK B 132 17.70 -47.34 7.40
C UNK B 132 17.31 -46.15 8.26
N UNK B 133 18.21 -45.18 8.39
CA UNK B 133 17.93 -43.98 9.19
C UNK B 133 16.74 -43.23 8.63
N UNK B 134 16.74 -42.96 7.32
CA UNK B 134 15.67 -42.17 6.72
C UNK B 134 14.34 -42.94 6.68
N UNK B 135 14.39 -44.27 6.58
CA UNK B 135 13.15 -45.04 6.59
C UNK B 135 12.52 -45.04 7.98
N UNK B 136 13.30 -45.35 9.01
CA UNK B 136 12.81 -45.28 10.38
C UNK B 136 12.41 -43.86 10.73
N UNK B 137 13.06 -42.89 10.10
CA UNK B 137 12.72 -41.49 10.24
C UNK B 137 11.29 -41.21 9.80
N UNK B 138 11.02 -41.50 8.53
CA UNK B 138 9.70 -41.26 7.97
C UNK B 138 8.62 -42.00 8.74
N UNK B 139 8.90 -43.26 9.09
CA UNK B 139 7.93 -44.05 9.84
C UNK B 139 7.68 -43.46 11.21
N UNK B 140 8.73 -42.98 11.88
CA UNK B 140 8.55 -42.35 13.18
C UNK B 140 7.81 -41.02 13.07
N UNK B 141 7.97 -40.31 11.95
CA UNK B 141 7.26 -39.06 11.77
C UNK B 141 5.75 -39.31 11.72
N UNK B 142 5.34 -40.23 10.84
CA UNK B 142 3.93 -40.60 10.80
C UNK B 142 3.49 -41.25 12.10
N UNK B 143 4.43 -41.89 12.82
CA UNK B 143 4.13 -42.53 14.09
C UNK B 143 3.72 -41.51 15.14
N UNK B 144 4.55 -40.50 15.35
CA UNK B 144 4.22 -39.47 16.32
C UNK B 144 2.98 -38.71 15.89
N UNK B 145 2.80 -38.53 14.58
CA UNK B 145 1.60 -37.89 14.05
C UNK B 145 0.33 -38.64 14.47
N UNK B 146 0.22 -39.90 14.05
CA UNK B 146 -0.95 -40.69 14.39
C UNK B 146 -1.04 -40.98 15.88
N UNK B 147 0.08 -40.95 16.59
CA UNK B 147 0.07 -41.15 18.03
C UNK B 147 -0.64 -40.00 18.73
N UNK B 148 -0.25 -38.77 18.39
CA UNK B 148 -0.96 -37.61 18.93
C UNK B 148 -2.39 -37.54 18.40
N UNK B 149 -2.62 -38.09 17.21
CA UNK B 149 -3.97 -38.15 16.67
C UNK B 149 -4.87 -39.02 17.55
N UNK B 150 -4.41 -40.24 17.85
CA UNK B 150 -5.15 -41.10 18.77
C UNK B 150 -5.21 -40.51 20.17
N UNK B 151 -4.20 -39.72 20.54
CA UNK B 151 -4.22 -39.05 21.84
C UNK B 151 -5.36 -38.06 21.93
N UNK B 152 -5.51 -37.21 20.91
CA UNK B 152 -6.64 -36.28 20.87
C UNK B 152 -7.96 -37.03 20.75
N UNK B 153 -7.96 -38.17 20.05
CA UNK B 153 -9.14 -39.01 19.90
C UNK B 153 -9.62 -39.56 21.25
N GLU C 1 19.56 -15.55 -11.22
CA GLU C 1 18.28 -14.87 -11.14
C GLU C 1 18.39 -13.65 -10.23
N ASN C 2 19.61 -13.18 -10.04
CA ASN C 2 19.86 -12.04 -9.15
C ASN C 2 19.66 -10.72 -9.91
N GLU C 3 18.42 -10.52 -10.32
CA GLU C 3 17.98 -9.31 -11.00
C GLU C 3 17.39 -8.33 -9.99
N ILE C 4 16.65 -7.34 -10.48
CA ILE C 4 15.92 -6.41 -9.62
C ILE C 4 14.93 -7.19 -8.75
N GLY C 5 14.84 -6.77 -7.49
CA GLY C 5 14.03 -7.48 -6.52
C GLY C 5 14.81 -7.79 -5.26
N ALA C 6 15.93 -7.10 -5.09
CA ALA C 6 16.82 -7.34 -3.96
C ALA C 6 17.28 -6.00 -3.40
N LEU C 7 17.61 -6.01 -2.11
CA LEU C 7 17.98 -4.78 -1.43
C LEU C 7 18.78 -5.12 -0.19
N ALA C 8 18.90 -4.14 0.70
CA ALA C 8 19.71 -4.30 1.91
C ALA C 8 19.18 -5.40 2.83
N PRO C 9 17.87 -5.60 2.98
CA PRO C 9 17.39 -6.69 3.85
C PRO C 9 17.92 -8.06 3.45
N THR C 10 17.95 -8.35 2.16
CA THR C 10 18.48 -9.61 1.67
C THR C 10 18.91 -9.44 0.22
N GLY C 11 20.08 -9.98 -0.12
CA GLY C 11 20.58 -9.88 -1.47
C GLY C 11 19.89 -10.81 -2.45
N PHE C 12 19.37 -11.95 -1.95
CA PHE C 12 18.36 -12.71 -2.70
C PHE C 12 17.63 -13.58 -1.67
N PHE C 13 16.48 -13.11 -1.21
CA PHE C 13 15.73 -13.87 -0.22
C PHE C 13 15.00 -14.98 -0.96
N ASP C 14 15.52 -16.20 -0.81
CA ASP C 14 14.82 -17.41 -1.25
C ASP C 14 15.31 -18.59 -0.43
N PRO C 15 14.94 -18.68 0.85
CA PRO C 15 15.46 -19.78 1.69
C PRO C 15 14.92 -21.16 1.32
N ALA C 16 15.04 -21.49 0.04
CA ALA C 16 14.60 -22.76 -0.53
C ALA C 16 15.15 -22.82 -1.95
N LYS C 17 14.86 -23.91 -2.64
CA LYS C 17 15.28 -24.06 -4.03
C LYS C 17 14.64 -23.04 -4.94
N LEU C 18 13.53 -22.44 -4.49
CA LEU C 18 12.59 -21.67 -5.31
C LEU C 18 13.26 -20.80 -6.36
N SER C 19 14.24 -20.00 -5.93
CA SER C 19 14.96 -19.10 -6.83
C SER C 19 15.69 -19.89 -7.92
N ASP C 20 16.68 -20.69 -7.51
CA ASP C 20 17.54 -21.39 -8.47
C ASP C 20 16.72 -22.39 -9.28
N GLY C 21 17.09 -22.55 -10.53
CA GLY C 21 16.26 -23.29 -11.46
C GLY C 21 15.18 -22.40 -12.07
N ILE C 22 14.68 -22.87 -13.21
CA ILE C 22 13.75 -22.13 -14.07
C ILE C 22 14.32 -20.74 -14.33
N SER C 23 15.64 -20.69 -14.57
CA SER C 23 16.40 -19.45 -14.68
C SER C 23 15.89 -18.63 -15.86
N GLN C 24 15.24 -17.51 -15.55
CA GLN C 24 14.46 -16.68 -16.47
C GLN C 24 13.29 -17.44 -17.10
N GLU C 25 12.98 -18.63 -16.61
CA GLU C 25 11.84 -19.40 -17.09
C GLU C 25 10.65 -19.35 -16.14
N LYS C 26 10.89 -19.18 -14.84
CA LYS C 26 9.82 -18.81 -13.91
C LYS C 26 10.09 -17.50 -13.18
N PHE C 27 11.32 -16.97 -13.24
CA PHE C 27 11.64 -15.74 -12.51
C PHE C 27 10.81 -14.58 -13.02
N ASP C 28 10.69 -14.45 -14.35
CA ASP C 28 9.88 -13.38 -14.93
C ASP C 28 8.40 -13.55 -14.59
N GLN C 29 7.93 -14.80 -14.62
CA GLN C 29 6.54 -15.09 -14.29
C GLN C 29 6.25 -14.74 -12.84
N TYR C 30 7.19 -15.07 -11.95
CA TYR C 30 7.02 -14.74 -10.55
C TYR C 30 7.08 -13.23 -10.33
N ARG C 31 7.86 -12.52 -11.14
CA ARG C 31 7.87 -11.07 -11.05
C ARG C 31 6.52 -10.50 -11.44
N LEU C 32 5.95 -11.00 -12.55
CA LEU C 32 4.59 -10.63 -12.95
C LEU C 32 3.62 -10.87 -11.80
N ALA C 33 3.72 -12.05 -11.19
CA ALA C 33 2.77 -12.46 -10.16
C ALA C 33 2.88 -11.56 -8.93
N GLU C 34 4.08 -11.50 -8.33
CA GLU C 34 4.30 -10.69 -7.14
C GLU C 34 3.93 -9.24 -7.38
N LEU C 35 4.20 -8.73 -8.58
CA LEU C 35 3.76 -7.39 -8.93
C LEU C 35 2.26 -7.26 -8.80
N LYS C 36 1.51 -8.14 -9.47
CA LYS C 36 0.06 -8.01 -9.46
C LYS C 36 -0.48 -8.12 -8.05
N HIS C 37 0.06 -9.06 -7.27
CA HIS C 37 -0.40 -9.29 -5.91
C HIS C 37 -0.16 -8.07 -5.03
N GLY C 38 1.05 -7.52 -5.08
CA GLY C 38 1.38 -6.39 -4.24
C GLY C 38 0.57 -5.15 -4.59
N ARG C 39 0.37 -4.92 -5.90
CA ARG C 39 -0.47 -3.80 -6.31
C ARG C 39 -1.87 -3.94 -5.75
N ALA C 40 -2.48 -5.11 -5.97
CA ALA C 40 -3.86 -5.32 -5.52
C ALA C 40 -3.98 -5.18 -4.01
N ALA C 41 -2.99 -5.65 -3.25
CA ALA C 41 -3.07 -5.54 -1.79
C ALA C 41 -2.88 -4.10 -1.32
N MET C 42 -2.06 -3.32 -2.03
CA MET C 42 -1.97 -1.89 -1.76
C MET C 42 -3.35 -1.26 -1.92
N LEU C 43 -4.02 -1.59 -3.03
CA LEU C 43 -5.37 -1.11 -3.26
C LEU C 43 -6.30 -1.56 -2.14
N ALA C 44 -6.06 -2.76 -1.62
CA ALA C 44 -6.88 -3.25 -0.52
C ALA C 44 -6.77 -2.32 0.68
N VAL C 45 -5.54 -2.05 1.13
CA VAL C 45 -5.33 -1.20 2.31
C VAL C 45 -6.00 0.16 2.12
N LEU C 46 -5.77 0.77 0.96
CA LEU C 46 -6.43 2.03 0.64
C LEU C 46 -7.94 1.89 0.71
N GLY C 47 -8.44 0.76 0.22
CA GLY C 47 -9.82 0.36 0.37
C GLY C 47 -10.27 0.45 1.81
N TYR C 48 -9.61 -0.28 2.70
CA TYR C 48 -10.10 -0.36 4.08
C TYR C 48 -10.20 1.02 4.71
N VAL C 49 -9.14 1.82 4.55
CA VAL C 49 -9.14 3.10 5.26
C VAL C 49 -10.20 4.05 4.69
N ALA C 50 -10.44 4.03 3.38
CA ALA C 50 -11.24 5.10 2.78
C ALA C 50 -12.73 4.99 3.09
N PRO C 51 -13.42 3.82 2.94
CA PRO C 51 -14.73 3.65 3.60
C PRO C 51 -14.91 4.07 5.05
N GLU C 52 -13.85 4.28 5.82
CA GLU C 52 -14.10 4.64 7.22
C GLU C 52 -14.51 6.09 7.41
N THR C 53 -14.04 7.02 6.56
CA THR C 53 -14.47 8.41 6.70
C THR C 53 -15.29 8.91 5.55
N TYR C 54 -15.10 8.39 4.36
CA TYR C 54 -15.86 8.83 3.22
C TYR C 54 -16.71 7.69 2.73
N ARG C 55 -17.71 8.06 1.95
CA ARG C 55 -18.70 7.09 1.50
C ARG C 55 -19.35 7.69 0.27
N PHE C 56 -19.27 6.99 -0.85
CA PHE C 56 -19.96 7.42 -2.05
C PHE C 56 -21.42 7.02 -1.94
N GLY C 57 -22.32 7.96 -2.20
CA GLY C 57 -23.72 7.67 -2.05
C GLY C 57 -24.40 7.11 -3.29
N TYR C 58 -24.05 5.88 -3.66
CA TYR C 58 -24.68 5.20 -4.80
C TYR C 58 -25.44 3.98 -4.29
N ASP C 59 -26.55 3.67 -4.95
CA ASP C 59 -27.45 2.62 -4.49
C ASP C 59 -27.22 1.38 -5.36
N LEU C 60 -26.34 0.50 -4.87
CA LEU C 60 -25.87 -0.67 -5.61
C LEU C 60 -27.01 -1.46 -6.22
N ILE C 61 -28.04 -1.76 -5.44
CA ILE C 61 -29.30 -2.28 -5.99
C ILE C 61 -30.31 -1.15 -5.92
N PRO C 62 -30.59 -0.45 -7.03
CA PRO C 62 -31.39 0.80 -7.00
C PRO C 62 -32.70 0.67 -6.23
N GLY C 63 -33.01 1.71 -5.45
CA GLY C 63 -34.14 1.64 -4.54
C GLY C 63 -33.74 1.38 -3.10
N GLU C 64 -32.75 0.51 -2.92
CA GLU C 64 -32.25 0.14 -1.60
C GLU C 64 -30.75 -0.11 -1.75
N LEU C 65 -30.16 -0.82 -0.78
CA LEU C 65 -28.77 -1.30 -0.82
C LEU C 65 -27.82 -0.16 -1.20
N SER C 66 -27.84 0.87 -0.37
CA SER C 66 -27.05 2.07 -0.60
C SER C 66 -25.79 2.00 0.24
N THR C 67 -24.64 2.25 -0.39
CA THR C 67 -23.29 2.11 0.14
C THR C 67 -23.18 2.56 1.60
N ARG C 68 -23.86 3.67 1.89
CA ARG C 68 -23.92 4.29 3.21
C ARG C 68 -24.37 3.35 4.33
N ASP C 69 -24.90 2.17 3.99
CA ASP C 69 -25.38 1.23 4.99
C ASP C 69 -24.60 -0.08 5.07
N ILE C 70 -23.86 -0.46 4.04
CA ILE C 70 -23.18 -1.76 4.01
C ILE C 70 -21.99 -1.72 4.97
N PRO C 71 -21.72 -2.77 5.74
CA PRO C 71 -20.55 -2.75 6.63
C PRO C 71 -19.25 -2.70 5.86
N ASN C 72 -18.28 -2.00 6.43
CA ASN C 72 -16.91 -2.06 5.96
C ASN C 72 -16.21 -3.28 6.55
N GLY C 73 -15.09 -3.65 5.93
CA GLY C 73 -14.36 -4.82 6.37
C GLY C 73 -14.79 -6.08 5.66
N VAL C 74 -14.60 -7.24 6.29
CA VAL C 74 -14.94 -8.49 5.62
C VAL C 74 -16.44 -8.63 5.47
N ALA C 75 -17.21 -7.96 6.31
CA ALA C 75 -18.64 -8.22 6.37
C ALA C 75 -19.30 -7.86 5.05
N ALA C 76 -18.71 -6.92 4.31
CA ALA C 76 -19.18 -6.59 2.98
C ALA C 76 -19.17 -7.80 2.06
N LEU C 77 -18.19 -8.69 2.22
CA LEU C 77 -18.11 -9.88 1.38
C LEU C 77 -19.34 -10.77 1.58
N ASN C 78 -19.73 -10.97 2.84
CA ASN C 78 -20.97 -11.69 3.12
C ASN C 78 -22.17 -10.94 2.56
N ALA C 79 -22.15 -9.61 2.67
CA ALA C 79 -23.26 -8.80 2.19
C ALA C 79 -23.37 -8.83 0.67
N ILE C 80 -22.30 -8.45 -0.01
CA ILE C 80 -22.24 -8.29 -1.47
C ILE C 80 -22.76 -9.55 -2.14
N PRO C 81 -23.82 -9.45 -2.94
CA PRO C 81 -24.42 -10.65 -3.53
C PRO C 81 -23.40 -11.37 -4.39
N PHE C 82 -23.50 -12.69 -4.42
CA PHE C 82 -22.56 -13.51 -5.16
C PHE C 82 -22.45 -13.01 -6.59
N GLY C 83 -23.59 -12.97 -7.29
CA GLY C 83 -23.60 -12.44 -8.64
C GLY C 83 -23.21 -10.97 -8.76
N GLY C 84 -23.45 -10.19 -7.70
CA GLY C 84 -23.01 -8.79 -7.74
C GLY C 84 -21.50 -8.67 -7.79
N TRP C 85 -20.81 -9.39 -6.90
CA TRP C 85 -19.36 -9.44 -6.97
C TRP C 85 -18.89 -10.13 -8.24
N VAL C 86 -19.70 -11.05 -8.79
CA VAL C 86 -19.35 -11.67 -10.07
C VAL C 86 -19.30 -10.62 -11.17
N GLN C 87 -20.31 -9.75 -11.21
CA GLN C 87 -20.33 -8.69 -12.23
C GLN C 87 -19.17 -7.70 -12.01
N MET C 88 -18.89 -7.36 -10.76
CA MET C 88 -17.76 -6.49 -10.45
C MET C 88 -16.45 -7.10 -10.96
N ILE C 89 -16.25 -8.38 -10.67
CA ILE C 89 -15.06 -9.07 -11.14
C ILE C 89 -15.02 -9.12 -12.65
N ALA C 90 -16.17 -9.37 -13.28
CA ALA C 90 -16.25 -9.45 -14.74
C ALA C 90 -15.78 -8.16 -15.37
N PHE C 91 -16.16 -7.02 -14.77
CA PHE C 91 -15.59 -5.75 -15.18
C PHE C 91 -14.08 -5.73 -14.99
N VAL C 92 -13.58 -6.23 -13.86
CA VAL C 92 -12.13 -6.22 -13.61
C VAL C 92 -11.40 -7.09 -14.63
N GLY C 93 -11.97 -8.26 -14.95
CA GLY C 93 -11.34 -9.18 -15.87
C GLY C 93 -11.34 -8.64 -17.28
N THR C 94 -12.43 -7.98 -17.69
CA THR C 94 -12.42 -7.26 -18.94
C THR C 94 -11.33 -6.19 -18.94
N VAL C 95 -11.16 -5.49 -17.81
CA VAL C 95 -10.13 -4.46 -17.71
C VAL C 95 -8.75 -5.06 -17.89
N GLU C 96 -8.49 -6.21 -17.26
CA GLU C 96 -7.20 -6.88 -17.42
C GLU C 96 -6.96 -7.30 -18.86
N ALA C 97 -8.03 -7.65 -19.57
CA ALA C 97 -7.94 -8.09 -20.96
C ALA C 97 -8.36 -7.02 -21.94
N TYR C 98 -8.57 -5.77 -21.50
CA TYR C 98 -8.79 -4.68 -22.44
C TYR C 98 -8.01 -3.42 -22.13
N GLY C 99 -7.36 -3.32 -20.97
CA GLY C 99 -6.69 -2.09 -20.58
C GLY C 99 -7.60 -0.91 -20.46
N TRP C 100 -8.89 -1.13 -20.22
CA TRP C 100 -9.89 -0.07 -20.24
C TRP C 100 -9.62 0.93 -19.13
N PHE C 101 -9.33 2.18 -19.54
CA PHE C 101 -8.90 3.25 -18.65
C PHE C 101 -7.72 2.79 -17.80
N THR C 102 -7.70 3.24 -16.54
CA THR C 102 -6.67 2.87 -15.57
C THR C 102 -5.27 3.10 -16.13
N SER C 103 -5.10 4.29 -16.73
CA SER C 103 -3.95 4.63 -17.56
C SER C 103 -3.75 3.58 -18.64
N PRO C 104 -4.65 3.53 -19.63
CA PRO C 104 -4.52 2.53 -20.71
C PRO C 104 -3.20 2.60 -21.44
N THR C 105 -2.71 3.82 -21.66
CA THR C 105 -1.35 4.06 -22.14
C THR C 105 -0.74 5.18 -21.32
N GLY C 106 0.54 5.43 -21.57
CA GLY C 106 1.24 6.53 -20.92
C GLY C 106 2.01 6.07 -19.70
N VAL C 107 3.34 5.99 -19.80
CA VAL C 107 4.15 5.63 -18.65
C VAL C 107 5.39 6.53 -18.56
N LEU C 108 5.36 7.66 -19.27
CA LEU C 108 6.49 8.58 -19.42
C LEU C 108 7.72 7.88 -19.99
N ASP C 109 8.89 8.49 -19.84
CA ASP C 109 10.13 7.90 -20.33
C ASP C 109 10.87 7.16 -19.23
N LEU C 110 11.27 7.88 -18.15
CA LEU C 110 11.98 7.33 -17.00
C LEU C 110 13.25 6.61 -17.43
N PRO C 111 14.37 7.34 -17.66
CA PRO C 111 15.67 6.70 -17.97
C PRO C 111 16.00 5.50 -17.09
N ALA C 112 16.81 4.57 -17.60
CA ALA C 112 16.89 3.21 -17.05
C ALA C 112 17.28 3.20 -15.57
N ASP C 113 18.07 4.17 -15.13
CA ASP C 113 18.45 4.27 -13.72
C ASP C 113 17.24 4.56 -12.84
N ILE C 114 16.58 5.70 -13.09
CA ILE C 114 15.41 6.05 -12.29
C ILE C 114 14.31 5.02 -12.51
N LEU C 115 14.18 4.48 -13.72
CA LEU C 115 13.15 3.48 -13.99
C LEU C 115 13.36 2.23 -13.14
N ALA C 116 14.59 1.75 -13.09
CA ALA C 116 14.89 0.58 -12.27
C ALA C 116 14.62 0.86 -10.81
N LYS C 117 15.04 2.04 -10.32
CA LYS C 117 14.83 2.37 -8.92
C LYS C 117 13.35 2.44 -8.58
N ARG C 118 12.54 3.04 -9.47
CA ARG C 118 11.10 3.11 -9.24
C ARG C 118 10.50 1.72 -9.21
N GLN C 119 10.92 0.85 -10.12
CA GLN C 119 10.36 -0.51 -10.15
C GLN C 119 10.70 -1.25 -8.85
N THR C 120 11.94 -1.11 -8.38
CA THR C 120 12.35 -1.77 -7.13
C THR C 120 11.51 -1.26 -5.96
N SER C 121 11.34 0.06 -5.88
CA SER C 121 10.54 0.65 -4.81
C SER C 121 9.11 0.14 -4.86
N GLU C 122 8.57 0.01 -6.09
CA GLU C 122 7.24 -0.54 -6.28
C GLU C 122 7.12 -1.93 -5.68
N LEU C 123 8.05 -2.81 -6.06
CA LEU C 123 8.07 -4.18 -5.56
C LEU C 123 8.05 -4.20 -4.04
N GLN C 124 8.94 -3.40 -3.43
CA GLN C 124 9.05 -3.38 -1.98
C GLN C 124 7.73 -2.94 -1.34
N HIS C 125 7.12 -1.87 -1.88
CA HIS C 125 5.89 -1.35 -1.30
C HIS C 125 4.75 -2.36 -1.39
N GLY C 126 4.60 -3.00 -2.55
CA GLY C 126 3.53 -3.97 -2.70
C GLY C 126 3.73 -5.18 -1.83
N ARG C 127 5.00 -5.60 -1.66
CA ARG C 127 5.30 -6.68 -0.72
C ARG C 127 4.85 -6.32 0.67
N LEU C 128 5.15 -5.09 1.10
CA LEU C 128 4.72 -4.64 2.43
C LEU C 128 3.21 -4.63 2.56
N ALA C 129 2.53 -4.19 1.51
CA ALA C 129 1.08 -4.11 1.53
C ALA C 129 0.44 -5.48 1.66
N MET C 130 1.10 -6.52 1.14
CA MET C 130 0.61 -7.88 1.36
C MET C 130 0.47 -8.17 2.85
N LEU C 131 1.51 -7.86 3.61
CA LEU C 131 1.48 -8.09 5.06
C LEU C 131 0.47 -7.19 5.75
N ALA C 132 0.33 -5.95 5.26
CA ALA C 132 -0.66 -5.05 5.84
C ALA C 132 -2.07 -5.60 5.67
N PHE C 133 -2.38 -6.10 4.46
CA PHE C 133 -3.67 -6.75 4.23
C PHE C 133 -3.84 -7.95 5.15
N LEU C 134 -2.76 -8.65 5.38
CA LEU C 134 -2.84 -9.80 6.27
C LEU C 134 -3.29 -9.38 7.66
N GLU C 135 -2.59 -8.44 8.27
CA GLU C 135 -2.93 -8.08 9.64
C GLU C 135 -4.34 -7.59 9.71
N LEU C 136 -4.74 -6.81 8.72
CA LEU C 136 -6.08 -6.23 8.77
C LEU C 136 -7.10 -7.33 8.78
N ILE C 137 -6.99 -8.26 7.83
CA ILE C 137 -7.99 -9.31 7.75
C ILE C 137 -7.99 -10.08 9.06
N ARG C 138 -6.81 -10.35 9.59
CA ARG C 138 -6.72 -11.09 10.83
C ARG C 138 -7.56 -10.40 11.89
N HIS C 139 -7.24 -9.14 12.17
CA HIS C 139 -7.94 -8.45 13.24
C HIS C 139 -9.42 -8.49 12.97
N ASP C 140 -9.81 -8.17 11.76
CA ASP C 140 -11.22 -8.12 11.45
C ASP C 140 -11.90 -9.41 11.84
N SER C 141 -11.43 -10.53 11.31
CA SER C 141 -12.09 -11.80 11.58
C SER C 141 -12.08 -12.15 13.06
N GLN C 142 -10.96 -11.89 13.71
CA GLN C 142 -10.85 -12.25 15.11
C GLN C 142 -11.87 -11.47 15.94
N ASN C 143 -12.05 -10.20 15.64
CA ASN C 143 -13.03 -9.42 16.38
C ASN C 143 -14.42 -9.92 16.06
N LEU C 144 -14.66 -10.16 14.78
CA LEU C 144 -15.95 -10.68 14.35
C LEU C 144 -16.29 -11.85 15.23
N ALA C 145 -15.31 -12.67 15.54
CA ALA C 145 -15.59 -13.77 16.49
C ALA C 145 -15.99 -13.22 17.86
N GLN C 146 -15.12 -13.32 18.84
CA GLN C 146 -15.40 -12.72 20.13
C GLN C 146 -15.23 -11.22 19.95
N PRO C 147 -16.27 -10.42 20.27
CA PRO C 147 -16.37 -9.03 19.76
C PRO C 147 -15.11 -8.21 19.90
N GLY C 148 -14.45 -8.30 21.04
CA GLY C 148 -13.16 -7.72 21.26
C GLY C 148 -12.12 -8.73 21.73
N PHE C 149 -12.09 -9.92 21.12
CA PHE C 149 -11.08 -10.92 21.47
C PHE C 149 -9.68 -10.35 21.39
N ASP C 150 -9.40 -9.62 20.30
CA ASP C 150 -8.13 -8.93 20.18
C ASP C 150 -7.95 -7.89 21.28
N GLY C 151 -9.04 -7.35 21.81
CA GLY C 151 -8.89 -6.20 22.68
C GLY C 151 -9.38 -4.94 22.02
N TYR C 152 -8.45 -4.17 21.46
CA TYR C 152 -8.73 -2.92 20.75
C TYR C 152 -9.89 -3.12 19.78
N ASP C 153 -11.01 -2.46 20.07
CA ASP C 153 -12.27 -2.82 19.45
C ASP C 153 -12.36 -2.28 18.03
N ASN C 154 -12.10 -0.99 17.88
CA ASN C 154 -12.19 -0.29 16.61
C ASN C 154 -11.34 -0.98 15.54
N LEU C 155 -11.88 -1.07 14.33
CA LEU C 155 -11.34 -1.95 13.29
C LEU C 155 -9.89 -1.60 12.98
N ILE C 156 -9.63 -0.35 12.61
CA ILE C 156 -8.28 0.09 12.30
C ILE C 156 -7.63 0.37 13.65
N THR C 157 -6.77 -0.54 14.10
CA THR C 157 -6.22 -0.44 15.45
C THR C 157 -5.32 0.78 15.57
N GLY C 158 -4.38 0.94 14.64
CA GLY C 158 -3.71 2.20 14.49
C GLY C 158 -4.67 3.21 13.86
N LEU C 159 -4.11 4.37 13.51
CA LEU C 159 -4.90 5.51 13.07
C LEU C 159 -6.10 5.77 13.97
N PRO C 160 -5.88 6.02 15.26
CA PRO C 160 -7.00 6.07 16.21
C PRO C 160 -7.97 7.20 15.95
N PHE C 161 -7.50 8.30 15.35
CA PHE C 161 -8.36 9.46 15.11
C PHE C 161 -9.55 9.11 14.24
N LEU C 162 -9.35 8.20 13.28
CA LEU C 162 -10.42 7.76 12.38
C LEU C 162 -11.58 7.19 13.18
N TYR C 163 -11.31 6.13 13.90
CA TYR C 163 -12.30 5.50 14.73
C TYR C 163 -12.37 6.19 16.08
MG CLA D . 11.78 22.80 -1.89
CHA CLA D . 11.46 25.95 -3.34
CHB CLA D . 14.82 23.67 -0.67
CHC CLA D . 12.19 19.58 -0.75
CHD CLA D . 8.66 21.93 -3.21
NA CLA D . 12.91 24.56 -1.97
C1A CLA D . 12.61 25.76 -2.62
C2A CLA D . 13.75 26.78 -2.42
C3A CLA D . 14.75 26.02 -1.53
C4A CLA D . 14.13 24.64 -1.36
CMA CLA D . 16.11 25.93 -2.19
CAA CLA D . 13.29 28.00 -1.65
NB CLA D . 13.20 21.83 -0.86
C1B CLA D . 14.38 22.36 -0.46
C2B CLA D . 15.19 21.32 0.24
C3B CLA D . 14.45 20.16 0.23
C4B CLA D . 13.18 20.47 -0.50
CMB CLA D . 16.53 21.57 0.77
CAB CLA D . 14.78 18.85 0.72
CBB CLA D . 14.16 18.24 1.73
NC CLA D . 10.61 21.09 -1.94
C1C CLA D . 10.97 19.87 -1.42
C2C CLA D . 9.94 18.88 -1.69
C3C CLA D . 8.92 19.55 -2.36
C4C CLA D . 9.35 20.94 -2.50
CMC CLA D . 10.00 17.47 -1.32
ND CLA D . 10.33 23.69 -2.97
C1D CLA D . 9.10 23.21 -3.46
C2D CLA D . 8.44 24.26 -4.26
C3D CLA D . 9.32 25.33 -4.26
C4D CLA D . 10.47 24.92 -3.45
CMD CLA D . 7.15 24.12 -4.91
CAD CLA D . 9.55 26.69 -4.72
OBD CLA D . 8.84 27.41 -5.41
CBD CLA D . 10.94 27.12 -4.15
CGD CLA D . 11.90 27.51 -5.25
MG CLA E . 2.93 23.03 -11.28
CHA CLA E . 6.05 22.86 -12.74
CHB CLA E . 1.59 21.59 -14.04
CHC CLA E . -0.10 22.97 -9.69
CHD CLA E . 4.39 24.51 -8.44
NA CLA E . 3.71 22.36 -13.09
C1A CLA E . 5.05 22.34 -13.50
C2A CLA E . 5.20 21.76 -14.89
C3A CLA E . 3.75 21.61 -15.35
C4A CLA E . 2.94 21.84 -14.07
CMA CLA E . 3.50 22.69 -16.36
CAA CLA E . 5.84 20.38 -14.84
NB CLA E . 1.09 22.41 -11.78
C1B CLA E . 0.74 21.82 -12.95
C2B CLA E . -0.71 21.47 -12.93
C3B CLA E . -1.19 21.87 -11.69
C4B CLA E . -0.06 22.47 -10.96
CMB CLA E . -1.36 20.84 -14.07
CAB CLA E . -2.51 21.77 -11.09
CBB CLA E . -3.68 21.75 -11.71
NC CLA E . 2.27 23.66 -9.41
C1C CLA E . 0.99 23.51 -8.97
C2C CLA E . 0.90 24.03 -7.61
C3C CLA E . 2.16 24.47 -7.25
C4C CLA E . 3.02 24.23 -8.39
CMC CLA E . -0.32 24.05 -6.81
CAC CLA E . 2.55 25.07 -5.96
CBC CLA E . 3.26 24.09 -5.05
ND CLA E . 4.76 23.63 -10.69
C1D CLA E . 5.23 24.23 -9.50
C2D CLA E . 6.68 24.48 -9.63
C3D CLA E . 7.05 23.98 -10.87
C4D CLA E . 5.82 23.46 -11.47
CMD CLA E . 7.50 25.11 -8.60
CAD CLA E . 8.12 23.78 -11.82
OBD CLA E . 9.30 24.10 -11.73
CBD CLA E . 7.52 23.03 -13.04
CGD CLA E . 7.64 23.80 -14.33
O1D CLA E . 6.78 24.47 -14.87
O2D CLA E . 8.86 23.72 -14.94
CED CLA E . 8.86 23.68 -16.37
MG CLA F . -8.60 18.88 -12.85
CHA CLA F . -7.81 17.91 -16.08
CHB CLA F . -5.61 17.72 -11.76
CHC CLA F . -9.47 19.83 -9.65
CHD CLA F . -11.60 20.29 -14.07
NA CLA F . -7.00 17.94 -13.79
C1A CLA F . -6.85 17.62 -15.15
C2A CLA F . -5.48 16.98 -15.40
C3A CLA F . -4.81 16.98 -14.01
C4A CLA F . -5.88 17.58 -13.11
CMA CLA F . -4.43 15.59 -13.57
CAA CLA F . -4.59 17.78 -16.35
NB CLA F . -7.70 18.81 -11.05
C1B CLA F . -6.49 18.26 -10.81
C2B CLA F . -6.21 18.28 -9.35
C3B CLA F . -7.30 18.87 -8.74
C4B CLA F . -8.26 19.23 -9.82
CMB CLA F . -4.95 17.74 -8.83
CAB CLA F . -7.62 19.18 -7.37
CBB CLA F . -6.93 18.87 -6.27
NC CLA F . -10.24 19.86 -12.01
C1C CLA F . -10.40 20.14 -10.68
C2C CLA F . -11.68 20.80 -10.47
C3C CLA F . -12.26 20.98 -11.72
C4C CLA F . -11.36 20.38 -12.68
CMC CLA F . -12.22 21.22 -9.17
CAC CLA F . -13.56 21.60 -12.00
ND CLA F . -9.57 19.04 -14.61
C1D CLA F . -10.79 19.67 -14.97
C2D CLA F . -10.99 19.52 -16.43
C3D CLA F . -9.91 18.80 -16.89
C4D CLA F . -9.03 18.56 -15.72
CMD CLA F . -12.15 20.02 -17.15
CAD CLA F . -9.26 18.24 -18.06
OBD CLA F . -9.62 18.21 -19.22
CBD CLA F . -7.90 17.65 -17.56
CGD CLA F . -7.83 16.17 -17.84
MG CLA G . -19.42 34.20 -5.57
CHA CLA G . -22.67 34.29 -4.38
CHB CLA G . -19.99 31.11 -6.86
CHC CLA G . -16.21 34.18 -6.77
CHD CLA G . -18.87 37.40 -4.17
NA CLA G . -21.08 32.93 -5.60
C1A CLA G . -22.35 33.15 -5.06
C2A CLA G . -23.26 31.95 -5.32
C3A CLA G . -22.36 30.95 -6.07
C4A CLA G . -21.04 31.70 -6.20
CMA CLA G . -22.22 29.66 -5.32
CAA CLA G . -24.44 32.30 -6.22
NB CLA G . -18.30 32.88 -6.59
C1B CLA G . -18.72 31.68 -7.05
C2B CLA G . -17.63 31.01 -7.80
C3B CLA G . -16.54 31.88 -7.78
C4B CLA G . -16.97 33.08 -7.02
CMB CLA G . -17.84 29.71 -8.41
CAB CLA G . -15.23 31.79 -8.35
CBB CLA G . -14.52 30.70 -8.63
NC CLA G . -17.85 35.56 -5.50
C1C CLA G . -16.64 35.35 -6.08
C2C CLA G . -15.78 36.50 -5.86
C3C CLA G . -16.51 37.41 -5.09
C4C CLA G . -17.81 36.80 -4.87
CMC CLA G . -14.41 36.61 -6.35
CAC CLA G . -16.06 38.72 -4.61
CBC CLA G . -16.61 39.88 -5.42
ND CLA G . -20.48 35.59 -4.56
C1D CLA G . -20.12 36.84 -4.01
C2D CLA G . -21.28 37.41 -3.29
C3D CLA G . -22.29 36.48 -3.42
C4D CLA G . -21.73 35.36 -4.19
CMD CLA G . -21.30 38.70 -2.62
CAD CLA G . -23.65 36.15 -3.08
OBD CLA G . -24.49 36.80 -2.47
CBD CLA G . -23.93 34.72 -3.67
CGD CLA G . -24.29 33.72 -2.62
O1D CLA G . -25.00 32.73 -2.75
O2D CLA G . -23.73 33.96 -1.40
MG CLA H . -12.04 23.72 -19.85
CHA CLA H . -8.71 22.77 -19.84
CHB CLA H . -12.22 22.96 -23.15
CHC CLA H . -15.36 24.49 -19.74
CHD CLA H . -11.76 24.54 -16.42
NA CLA H . -10.66 22.99 -21.24
C1A CLA H . -9.32 22.66 -21.05
C2A CLA H . -8.70 22.13 -22.34
C3A CLA H . -9.82 22.34 -23.39
C4A CLA H . -11.00 22.78 -22.55
CMA CLA H . -9.45 23.35 -24.44
CAA CLA H . -8.48 20.64 -22.21
NB CLA H . -13.50 23.75 -21.20
C1B CLA H . -13.39 23.37 -22.49
C2B CLA H . -14.72 23.44 -23.15
C3B CLA H . -15.59 23.87 -22.19
C4B CLA H . -14.84 24.07 -20.92
CMB CLA H . -14.94 23.09 -24.55
CAB CLA H . -16.99 24.10 -22.29
CBB CLA H . -17.49 25.31 -22.47
NC CLA H . -13.31 24.42 -18.36
C1C CLA H . -14.64 24.68 -18.53
C2C CLA H . -15.23 25.14 -17.28
C3C CLA H . -14.21 25.14 -16.33
C4C CLA H . -13.01 24.69 -17.02
CMC CLA H . -16.63 25.52 -17.11
CAC CLA H . -14.30 25.54 -14.92
ND CLA H . -10.62 23.68 -18.42
C1D CLA H . -10.65 24.10 -17.06
C2D CLA H . -9.32 23.88 -16.49
C3D CLA H . -8.56 23.33 -17.49
C4D CLA H . -9.41 23.25 -18.69
CMD CLA H . -9.00 24.18 -15.10
CAD CLA H . -7.29 22.78 -17.85
OBD CLA H . -6.38 22.49 -17.09
CBD CLA H . -7.29 22.50 -19.39
CGD CLA H . -6.28 23.35 -20.12
MG CLA I . -3.39 37.49 -16.00
CHA CLA I . -2.92 37.77 -19.36
CHB CLA I . -0.61 39.40 -15.50
CHC CLA I . -3.96 37.31 -12.64
CHD CLA I . -6.35 35.63 -16.59
NA CLA I . -2.00 38.41 -17.26
C1A CLA I . -1.98 38.42 -18.64
C2A CLA I . -0.82 39.21 -19.20
C3A CLA I . -0.08 39.68 -17.94
C4A CLA I . -0.95 39.14 -16.80
CMA CLA I . 1.30 39.08 -17.89
NB CLA I . -2.42 38.13 -14.38
C1B CLA I . -1.34 38.94 -14.38
C2B CLA I . -0.99 39.31 -12.99
C3B CLA I . -1.92 38.72 -12.17
C4B CLA I . -2.87 37.98 -13.05
CMB CLA I . 0.12 40.21 -12.66
CAB CLA I . -2.06 38.79 -10.75
CBB CLA I . -1.14 38.33 -9.90
NC CLA I . -4.88 36.61 -14.84
C1C CLA I . -4.92 36.68 -13.48
C2C CLA I . -6.11 36.01 -12.99
C3C CLA I . -6.80 35.54 -14.10
C4C CLA I . -6.01 35.92 -15.26
CMC CLA I . -6.50 35.90 -11.58
CAC CLA I . -8.07 34.82 -14.12
CBC CLA I . -9.25 35.75 -14.33
ND CLA I . -4.48 36.87 -17.57
C1D CLA I . -5.62 36.04 -17.68
C2D CLA I . -5.90 35.79 -19.10
C3D CLA I . -4.89 36.45 -19.77
C4D CLA I . -4.03 37.08 -18.78
CMD CLA I . -7.02 35.02 -19.61
CAD CLA I . -4.34 36.84 -21.04
OBD CLA I . -4.87 36.74 -22.13
CBD CLA I . -3.00 37.57 -20.84
CGD CLA I . -1.80 36.79 -21.31
MG CLA J . 8.09 35.25 -2.63
CHA CLA J . 6.88 37.32 -5.05
CHB CLA J . 11.09 36.88 -2.78
CHC CLA J . 9.32 33.08 -0.28
CHD CLA J . 4.98 33.55 -2.57
NA CLA J . 8.82 36.87 -3.72
C1A CLA J . 8.15 37.60 -4.68
C2A CLA J . 9.00 38.71 -5.26
C3A CLA J . 10.35 38.55 -4.51
C4A CLA J . 10.08 37.36 -3.59
CMA CLA J . 11.47 38.27 -5.47
NB CLA J . 9.88 34.99 -1.74
C1B CLA J . 10.96 35.78 -1.91
C2B CLA J . 12.05 35.33 -1.00
C3B CLA J . 11.56 34.26 -0.30
C4B CLA J . 10.15 34.03 -0.75
CMB CLA J . 13.35 35.97 -0.93
CAB CLA J . 12.18 33.46 0.72
NC CLA J . 7.27 33.64 -1.59
C1C CLA J . 7.96 32.90 -0.67
C2C CLA J . 7.10 31.85 -0.14
C3C CLA J . 5.87 31.98 -0.78
C4C CLA J . 5.99 33.10 -1.70
CMC CLA J . 7.53 30.88 0.86
CAC CLA J . 4.70 31.11 -0.58
CBC CLA J . 3.91 31.50 0.64
ND CLA J . 6.27 35.44 -3.46
C1D CLA J . 5.09 34.65 -3.41
C2D CLA J . 4.12 35.18 -4.38
C3D CLA J . 4.75 36.20 -5.04
C4D CLA J . 6.09 36.30 -4.45
CMD CLA J . 2.76 34.67 -4.60
CAD CLA J . 4.67 37.23 -6.05
OBD CLA J . 3.74 37.56 -6.76
CBD CLA J . 6.07 37.91 -6.15
CGD CLA J . 6.75 37.53 -7.43
MG CLA K . -0.55 39.34 -3.07
CHA CLA K . 1.93 41.10 -4.74
CHB CLA K . -2.88 40.72 -5.12
CHC CLA K . -2.94 37.43 -1.53
CHD CLA K . 1.95 37.76 -1.15
NA CLA K . -0.47 40.72 -4.63
C1A CLA K . 0.67 41.32 -5.19
C2A CLA K . 0.30 42.24 -6.33
C3A CLA K . -1.24 42.14 -6.41
C4A CLA K . -1.58 41.13 -5.30
CMA CLA K . -1.90 43.47 -6.16
NB CLA K . -2.54 39.15 -3.24
C1B CLA K . -3.32 39.79 -4.16
C2B CLA K . -4.73 39.34 -4.01
C3B CLA K . -4.75 38.41 -3.01
C4B CLA K . -3.36 38.27 -2.50
CMB CLA K . -5.81 39.83 -4.86
CAB CLA K . -5.85 37.65 -2.46
NC CLA K . -0.50 37.89 -1.56
C1C CLA K . -1.60 37.25 -1.09
C2C CLA K . -1.19 36.30 -0.06
C3C CLA K . 0.18 36.37 0.04
C4C CLA K . 0.62 37.38 -0.92
CMC CLA K . -2.10 35.44 0.69
CAC CLA K . 1.02 35.60 0.98
CBC CLA K . 2.00 34.64 0.34
ND CLA K . 1.46 39.42 -2.88
C1D CLA K . 2.37 38.70 -2.07
C2D CLA K . 3.75 39.14 -2.37
C3D CLA K . 3.64 40.08 -3.37
C4D CLA K . 2.19 40.18 -3.67
CMD CLA K . 4.94 38.64 -1.70
CAD CLA K . 4.34 40.98 -4.26
OBD CLA K . 5.54 41.22 -4.33
CBD CLA K . 3.27 41.63 -5.19
CGD CLA K . 3.30 43.12 -5.14
O1D CLA K . 3.80 43.90 -5.96
O2D CLA K . 2.68 43.64 -4.04
MG CLA L . -5.85 24.33 8.17
CHA CLA L . -7.90 22.27 10.09
CHB CLA L . -5.84 26.63 10.64
CHC CLA L . -3.79 26.31 6.25
CHD CLA L . -5.97 21.96 5.56
NA CLA L . -6.72 24.39 10.07
C1A CLA L . -7.53 23.44 10.70
C2A CLA L . -7.96 23.92 12.09
C3A CLA L . -7.35 25.34 12.17
C4A CLA L . -6.56 25.48 10.87
CMA CLA L . -8.41 26.40 12.25
CAA CLA L . -7.40 23.06 13.20
NB CLA L . -5.01 26.14 8.40
C1B CLA L . -5.08 26.90 9.51
C2B CLA L . -4.20 28.10 9.36
C3B CLA L . -3.62 28.02 8.11
C4B CLA L . -4.13 26.76 7.48
CMB CLA L . -4.08 29.11 10.41
CAB CLA L . -2.70 28.88 7.42
CBB CLA L . -1.71 29.59 7.94
NC CLA L . -5.02 24.15 6.27
C1C CLA L . -4.21 25.07 5.68
C2C CLA L . -3.82 24.65 4.34
C3C CLA L . -4.43 23.42 4.14
C4C CLA L . -5.19 23.11 5.35
CMC CLA L . -2.96 25.43 3.46
CAC CLA L . -4.33 22.58 2.93
CBC CLA L . -3.06 21.79 2.86
ND CLA L . -6.64 22.50 7.86
C1D CLA L . -6.65 21.66 6.72
C2D CLA L . -7.52 20.50 7.00
C3D CLA L . -8.01 20.67 8.27
C4D CLA L . -7.45 21.95 8.77
CMD CLA L . -7.78 19.41 6.06
CAD CLA L . -8.89 20.16 9.31
OBD CLA L . -9.59 19.15 9.29
CBD CLA L . -8.83 21.15 10.51
CGD CLA L . -10.22 21.59 10.93
O1D CLA L . -10.61 22.85 10.57
C A86 M . -7.54 36.90 -6.79
O A86 M . -3.42 31.00 3.67
C1 A86 M . -6.06 36.98 -7.00
C10 A86 M . -4.79 32.55 0.98
C11 A86 M . -4.11 31.55 1.59
C12 A86 M . -2.99 30.76 0.99
C13 A86 M . -4.38 31.20 2.97
C14 A86 M . -5.80 31.03 3.48
C15 A86 M . -5.90 30.48 4.93
C16 A86 M . -5.76 31.43 6.16
C17 A86 M . -5.83 30.68 7.48
C18 A86 M . -7.11 29.90 7.54
C19 A86 M . -7.03 28.83 6.52
C2 A86 M . -5.24 36.31 -6.19
C20 A86 M . -6.70 29.18 5.12
C21 A86 M . -6.30 28.13 4.12
C22 A86 M . -6.89 32.44 6.12
C23 A86 M . -4.46 32.24 6.26
C24 A86 M . -5.48 37.86 -8.04
C25 A86 M . -6.20 38.45 -8.99
C26 A86 M . -5.55 39.39 -9.90
C27 A86 M . -6.20 39.92 -10.97
C28 A86 M . -7.61 39.48 -11.21
C29 A86 M . -5.54 40.93 -11.84
C3 A86 M . -5.72 35.49 -5.09
C30 A86 M . -6.07 41.39 -12.93
C31 A86 M . -6.53 41.54 -14.12
C32 A86 M . -6.62 40.40 -15.09
C33 A86 M . -6.55 40.77 -16.56
C34 A86 M . -7.80 41.58 -16.76
C35 A86 M . -7.46 42.88 -16.03
C36 A86 M . -7.30 42.77 -14.50
C37 A86 M . -6.51 43.95 -13.96
C38 A86 M . -9.17 42.51 -18.44
C39 A86 M . -9.17 43.81 -19.18
C4 A86 M . -4.84 34.76 -4.41
C40 A86 M . -7.85 39.53 -14.80
C41 A86 M . -5.28 39.75 -14.94
C5 A86 M . -5.21 33.96 -3.25
C6 A86 M . -4.28 33.14 -2.73
C7 A86 M . -2.90 33.08 -3.32
C8 A86 M . -4.53 32.36 -1.51
C9 A86 M . -4.56 33.06 -0.37
O1 A86 M . -7.26 30.34 4.54
O2 A86 M . -7.17 29.24 8.80
O3 A86 M . -8.59 42.72 -13.87
O4 A86 M . -7.95 41.78 -18.17
O5 A86 M . -10.18 41.96 -18.04
C DD6 N . -10.12 23.29 -8.76
C1 DD6 N . -9.87 23.80 -7.39
C10 DD6 N . -1.16 19.36 -7.37
C11 DD6 N . 0.08 19.26 -6.87
C12 DD6 N . 0.47 20.09 -5.68
C13 DD6 N . 1.05 18.35 -7.49
C14 DD6 N . 2.31 18.68 -7.78
C15 DD6 N . 3.24 17.69 -8.42
C16 DD6 N . 3.37 17.74 -9.95
C17 DD6 N . 3.97 16.48 -10.56
C18 DD6 N . 4.88 15.78 -9.56
C19 DD6 N . 4.06 15.20 -8.42
C2 DD6 N . -8.71 23.51 -6.76
C20 DD6 N . 3.55 16.41 -7.67
C21 DD6 N . 2.92 16.24 -6.29
C22 DD6 N . 1.99 17.97 -10.54
C23 DD6 N . 4.24 18.91 -10.34
C24 DD6 N . -10.91 24.63 -6.73
C25 DD6 N . -12.17 24.53 -7.12
C26 DD6 N . -13.23 25.33 -6.50
C27 DD6 N . -14.47 25.37 -7.00
C28 DD6 N . -14.79 24.58 -8.24
C29 DD6 N . -15.37 26.05 -6.46
C3 DD6 N . -7.70 22.66 -7.42
C30 DD6 N . -16.25 26.66 -5.94
C31 DD6 N . -17.18 27.27 -5.39
C32 DD6 N . -18.36 26.50 -4.86
C33 DD6 N . -19.38 27.49 -4.33
C34 DD6 N . -18.72 28.38 -3.30
C35 DD6 N . -17.66 29.25 -3.97
C36 DD6 N . -17.18 28.60 -5.24
C37 DD6 N . -16.70 29.47 -6.37
C4 DD6 N . -6.56 22.38 -6.80
C40 DD6 N . -18.95 25.66 -5.98
C41 DD6 N . -17.88 25.59 -3.72
C5 DD6 N . -5.55 21.53 -7.42
C6 DD6 N . -4.37 21.32 -6.80
C7 DD6 N . -4.11 21.98 -5.49
C8 DD6 N . -3.34 20.44 -7.41
C9 DD6 N . -2.18 20.24 -6.79
O1 DD6 N . 4.47 17.52 -7.73
O2 DD6 N . 5.54 14.73 -10.24
O4 DD6 N . -19.71 29.21 -2.69
C A86 O . 18.72 -33.25 31.44
O A86 O . 15.84 -33.25 18.62
C1 A86 O . 17.23 -33.08 31.56
C10 A86 O . 16.36 -32.84 21.91
C11 A86 O . 15.65 -32.51 20.82
C12 A86 O . 14.20 -32.12 20.94
C13 A86 O . 16.29 -32.55 19.52
C14 A86 O . 17.52 -31.68 19.31
C15 A86 O . 18.17 -31.75 17.90
C16 A86 O . 17.66 -30.72 16.89
C17 A86 O . 18.27 -30.86 15.51
C18 A86 O . 19.75 -30.73 15.64
C19 A86 O . 20.24 -31.92 16.38
C2 A86 O . 16.46 -33.07 30.47
C20 A86 O . 19.63 -32.27 17.71
C21 A86 O . 20.08 -33.43 18.51
C22 A86 O . 17.98 -29.34 17.43
C23 A86 O . 16.15 -30.75 16.66
C24 A86 O . 16.59 -32.96 32.89
C25 A86 O . 17.29 -32.89 34.03
C26 A86 O . 16.54 -32.79 35.27
C27 A86 O . 17.15 -32.67 36.46
C28 A86 O . 18.64 -32.64 36.55
C29 A86 O . 16.33 -32.60 37.70
C3 A86 O . 17.02 -33.18 29.13
C30 A86 O . 16.88 -32.43 38.82
C31 A86 O . 17.52 -32.42 39.91
C32 A86 O . 18.19 -31.16 40.43
C33 A86 O . 17.67 -31.12 41.86
C34 A86 O . 18.15 -32.26 42.79
C35 A86 O . 18.48 -33.43 41.88
C36 A86 O . 17.55 -33.69 40.73
C37 A86 O . 18.06 -34.85 39.88
C38 A86 O . 19.90 -31.49 44.37
C39 A86 O . 20.39 -32.11 45.65
C4 A86 O . 16.21 -33.09 28.08
C40 A86 O . 17.51 -29.99 39.77
C41 A86 O . 19.66 -30.82 40.12
C5 A86 O . 16.75 -33.17 26.72
C6 A86 O . 15.95 -33.00 25.66
C7 A86 O . 14.48 -32.72 25.85
C8 A86 O . 16.51 -33.05 24.30
C9 A86 O . 15.75 -32.80 23.24
O1 A86 O . 19.31 -31.19 18.56
O2 A86 O . 20.35 -30.72 14.34
O3 A86 O . 16.23 -34.00 41.21
O4 A86 O . 19.47 -32.37 43.32
O5 A86 O . 19.90 -30.28 44.19
C A86 P . 4.58 -35.85 8.86
O A86 P . 7.52 -33.01 20.95
C1 A86 P . 5.86 -35.19 8.43
C10 A86 P . 7.14 -33.95 17.80
C11 A86 P . 7.93 -33.70 18.83
C12 A86 P . 9.31 -33.13 18.64
C13 A86 P . 7.45 -33.93 20.18
C14 A86 P . 6.98 -35.27 20.72
C15 A86 P . 6.41 -35.09 22.16
C16 A86 P . 4.90 -34.77 22.17
C17 A86 P . 4.31 -34.49 23.55
C18 A86 P . 4.55 -35.68 24.41
C19 A86 P . 6.01 -35.78 24.63
C2 A86 P . 6.69 -34.63 9.33
C20 A86 P . 6.97 -35.79 23.45
C21 A86 P . 8.41 -36.02 23.73
C22 A86 P . 4.19 -35.97 21.57
C23 A86 P . 4.38 -33.64 21.30
C24 A86 P . 6.26 -35.17 7.02
C25 A86 P . 5.50 -35.72 6.08
C26 A86 P . 6.02 -35.70 4.72
C27 A86 P . 5.37 -36.31 3.71
C28 A86 P . 4.08 -37.02 4.07
C29 A86 P . 5.92 -36.35 2.31
C3 A86 P . 6.35 -34.67 10.74
C30 A86 P . 5.16 -36.94 1.51
C31 A86 P . 4.27 -37.38 0.74
C32 A86 P . 3.18 -36.44 0.23
C33 A86 P . 1.87 -37.17 0.31
C34 A86 P . 1.89 -38.44 -0.52
C35 A86 P . 2.99 -39.27 0.09
C36 A86 P . 4.43 -38.74 0.07
C37 A86 P . 5.39 -39.63 0.82
C38 A86 P . -0.05 -40.22 -0.64
C39 A86 P . 0.62 -41.37 -1.35
C4 A86 P . 7.13 -34.12 11.66
C40 A86 P . 3.46 -35.97 -1.20
C41 A86 P . 3.01 -35.17 1.07
C5 A86 P . 6.70 -34.26 13.04
C6 A86 P . 7.42 -33.78 14.07
C7 A86 P . 8.69 -33.02 13.84
C8 A86 P . 6.91 -34.03 15.42
C9 A86 P . 7.65 -33.69 16.45
O1 A86 P . 6.56 -36.50 22.30
O2 A86 P . 3.88 -35.49 25.66
O3 A86 P . 4.91 -38.71 -1.29
O4 A86 P . 0.57 -38.94 -0.28
O5 A86 P . -1.20 -40.32 -0.29
C A86 Q . 14.71 -44.46 18.23
O A86 Q . 3.03 -47.97 14.18
C1 A86 Q . 15.16 -44.64 16.81
C10 A86 Q . 6.09 -46.72 14.60
C11 A86 Q . 4.90 -46.70 14.02
C12 A86 Q . 4.67 -46.21 12.61
C13 A86 Q . 3.81 -47.28 14.79
C14 A86 Q . 3.55 -46.98 16.25
C15 A86 Q . 2.39 -47.90 16.71
C16 A86 Q . 2.87 -49.36 17.10
C17 A86 Q . 1.71 -50.31 17.36
C18 A86 Q . 0.87 -49.75 18.45
C19 A86 Q . 0.24 -48.48 17.98
C2 A86 Q . 14.30 -44.99 15.84
C20 A86 Q . 1.08 -47.38 17.39
C21 A86 Q . 0.46 -46.02 17.25
C22 A86 Q . 3.70 -49.24 18.36
C23 A86 Q . 3.77 -50.20 16.20
C24 A86 Q . 16.56 -44.40 16.44
C25 A86 Q . 17.49 -44.04 17.32
C26 A86 Q . 18.82 -43.80 16.76
C27 A86 Q . 19.86 -43.41 17.53
C28 A86 Q . 19.64 -43.21 18.99
C29 A86 Q . 21.18 -43.17 16.91
C3 A86 Q . 12.89 -45.23 16.15
C30 A86 Q . 22.11 -42.78 17.67
C31 A86 Q . 22.89 -42.24 18.49
C32 A86 Q . 23.77 -43.13 19.35
C33 A86 Q . 23.95 -42.47 20.70
C34 A86 Q . 24.69 -41.15 20.50
C35 A86 Q . 23.66 -40.32 19.77
C36 A86 Q . 23.24 -40.78 18.38
C37 A86 Q . 22.07 -39.96 17.88
C38 A86 Q . 25.86 -40.94 22.71
C39 A86 Q . 26.94 -41.94 22.40
C4 A86 Q . 12.04 -45.50 15.17
C40 A86 Q . 23.08 -44.47 19.56
C41 A86 Q . 25.11 -43.41 18.67
C5 A86 Q . 10.65 -45.77 15.50
C6 A86 Q . 9.74 -45.96 14.55
C7 A86 Q . 10.15 -45.99 13.11
C8 A86 Q . 8.35 -46.28 14.90
C9 A86 Q . 7.35 -46.31 14.03
O1 A86 Q . 2.36 -47.11 17.90
O2 A86 Q . -0.17 -50.72 18.69
O3 A86 Q . 24.34 -40.57 17.47
O4 A86 Q . 24.85 -40.50 21.76
O5 A86 Q . 25.85 -40.37 23.79
MG CLA R . 12.16 -51.72 2.36
CHA CLA R . 14.89 -50.83 4.27
CHB CLA R . 14.24 -52.75 -0.13
CHC CLA R . 9.41 -52.65 0.53
CHD CLA R . 10.04 -50.55 4.93
NA CLA R . 14.24 -51.77 2.13
C1A CLA R . 15.22 -51.38 3.05
C2A CLA R . 16.63 -51.58 2.49
C3A CLA R . 16.36 -52.13 1.07
C4A CLA R . 14.84 -52.24 1.00
CMA CLA R . 16.92 -51.21 0.00
CAA CLA R . 17.42 -52.61 3.27
NB CLA R . 11.89 -52.54 0.55
C1B CLA R . 12.86 -52.90 -0.33
C2B CLA R . 12.25 -53.48 -1.56
C3B CLA R . 10.89 -53.46 -1.37
C4B CLA R . 10.63 -52.86 -0.03
CMB CLA R . 13.03 -53.96 -2.69
CAB CLA R . 9.83 -53.89 -2.24
CBB CLA R . 9.30 -55.12 -2.23
NC CLA R . 10.11 -51.62 2.68
C1C CLA R . 9.16 -52.08 1.80
C2C CLA R . 7.83 -51.87 2.36
C3C CLA R . 8.00 -51.27 3.60
C4C CLA R . 9.44 -51.12 3.80
CMC CLA R . 6.58 -52.24 1.70
CAC CLA R . 6.95 -50.87 4.54
CBC CLA R . 6.69 -51.90 5.61
ND CLA R . 12.34 -50.89 4.18
C1D CLA R . 11.39 -50.44 5.12
C2D CLA R . 12.10 -49.86 6.29
C3D CLA R . 13.44 -50.00 6.03
C4D CLA R . 13.54 -50.63 4.70
CMD CLA R . 11.42 -49.30 7.45
CAD CLA R . 14.80 -49.78 6.50
OBD CLA R . 15.16 -49.33 7.58
CBD CLA R . 15.75 -50.27 5.37
CGD CLA R . 16.60 -49.19 4.77
MG CLA S . 10.44 -37.09 1.91
CHA CLA S . 11.65 -38.08 -1.17
CHB CLA S . 11.86 -34.04 1.50
CHC CLA S . 9.25 -36.22 5.00
CHD CLA S . 8.67 -40.14 2.11
NA CLA S . 11.60 -36.24 0.41
C1A CLA S . 11.99 -36.81 -0.80
C2A CLA S . 12.81 -35.85 -1.64
C3A CLA S . 12.92 -34.61 -0.74
C4A CLA S . 12.07 -34.95 0.48
CMA CLA S . 14.37 -34.43 -0.36
NB CLA S . 10.53 -35.43 3.03
C1B CLA S . 11.13 -34.27 2.68
C2B CLA S . 10.93 -33.27 3.76
C3B CLA S . 10.21 -33.89 4.75
C4B CLA S . 9.96 -35.28 4.31
CMB CLA S . 11.44 -31.90 3.73
CAB CLA S . 9.76 -33.37 6.02
NC CLA S . 9.22 -38.03 3.32
C1C CLA S . 8.89 -37.53 4.54
C2C CLA S . 8.07 -38.51 5.27
C3C CLA S . 7.82 -39.55 4.38
C4C CLA S . 8.54 -39.24 3.16
CMC CLA S . 7.57 -38.40 6.64
CAC CLA S . 7.03 -40.77 4.60
CBC CLA S . 5.54 -40.58 4.33
ND CLA S . 10.27 -38.79 0.85
C1D CLA S . 9.49 -39.96 1.03
C2D CLA S . 9.74 -40.88 -0.09
C3D CLA S . 10.62 -40.24 -0.93
C4D CLA S . 10.86 -38.92 -0.33
CMD CLA S . 9.17 -42.22 -0.20
CAD CLA S . 11.38 -40.30 -2.16
OBD CLA S . 11.55 -41.24 -2.91
CBD CLA S . 11.98 -38.88 -2.40
MG CLA T . 8.42 -27.96 8.81
CHA CLA T . 10.09 -25.65 6.85
CHB CLA T . 7.51 -29.64 6.03
CHC CLA T . 6.64 -30.11 10.80
CHD CLA T . 9.45 -26.18 11.68
NA CLA T . 8.78 -27.68 6.78
C1A CLA T . 9.50 -26.66 6.16
C2A CLA T . 9.54 -26.82 4.66
C3A CLA T . 8.78 -28.15 4.43
C4A CLA T . 8.31 -28.54 5.83
CMA CLA T . 7.59 -27.94 3.52
NB CLA T . 7.37 -29.64 8.49
C1B CLA T . 7.01 -30.07 7.26
C2B CLA T . 5.91 -31.07 7.39
C3B CLA T . 5.65 -31.21 8.73
C4B CLA T . 6.57 -30.30 9.46
CMB CLA T . 5.29 -31.72 6.24
CAB CLA T . 4.66 -32.04 9.35
CBB CLA T . 3.71 -31.66 10.21
NC CLA T . 8.14 -28.14 10.87
C1C CLA T . 7.39 -29.09 11.47
C2C CLA T . 7.40 -28.92 12.91
C3C CLA T . 8.19 -27.81 13.16
C4C CLA T . 8.65 -27.32 11.87
CMC CLA T . 6.70 -29.78 13.86
CAC CLA T . 8.52 -27.24 14.48
CBC CLA T . 7.80 -25.94 14.78
ND CLA T . 9.46 -26.28 9.24
C1D CLA T . 9.82 -25.67 10.46
C2D CLA T . 10.63 -24.47 10.17
C3D CLA T . 10.75 -24.41 8.80
C4D CLA T . 10.03 -25.58 8.27
CMD CLA T . 11.15 -23.56 11.18
CAD CLA T . 11.31 -23.69 7.68
OBD CLA T . 11.98 -22.67 7.66
CBD CLA T . 10.91 -24.46 6.39
CGD CLA T . 10.11 -23.61 5.46
MG CLA U . 12.18 -37.81 27.41
CHA CLA U . 11.29 -37.76 30.75
CHB CLA U . 10.88 -34.69 27.02
CHC CLA U . 13.13 -37.89 24.12
CHD CLA U . 13.51 -41.06 27.85
NA CLA U . 11.25 -36.46 28.70
C1A CLA U . 10.98 -36.62 30.06
C2A CLA U . 10.30 -35.37 30.62
C3A CLA U . 10.17 -34.44 29.40
C4A CLA U . 10.83 -35.24 28.28
CMA CLA U . 8.73 -34.13 29.11
CAA CLA U . 11.17 -34.67 31.64
NB CLA U . 12.03 -36.54 25.86
C1B CLA U . 11.45 -35.32 25.89
C2B CLA U . 11.50 -34.71 24.54
C3B CLA U . 12.13 -35.60 23.72
C4B CLA U . 12.48 -36.78 24.55
CMB CLA U . 10.96 -33.38 24.24
CAB CLA U . 12.44 -35.52 22.32
CBB CLA U . 11.54 -35.66 21.36
NC CLA U . 13.15 -39.21 26.22
C1C CLA U . 13.47 -39.01 24.91
C2C CLA U . 14.17 -40.17 24.39
C3C CLA U . 14.25 -41.09 25.42
C4C CLA U . 13.61 -40.47 26.58
CMC CLA U . 14.67 -40.27 23.02
CAC CLA U . 14.87 -42.41 25.37
CBC CLA U . 16.33 -42.36 25.75
ND CLA U . 12.42 -39.13 28.91
C1D CLA U . 12.95 -40.44 28.95
C2D CLA U . 12.79 -40.98 30.31
C3D CLA U . 12.16 -40.00 31.03
C4D CLA U . 11.94 -38.87 30.11
CMD CLA U . 13.24 -42.31 30.74
CAD CLA U . 11.61 -39.63 32.31
OBD CLA U . 11.54 -40.28 33.35
CBD CLA U . 11.04 -38.19 32.18
CGD CLA U . 9.58 -38.15 32.52
MG CLA V . 18.09 -27.58 34.82
CHA CLA V . 15.16 -28.03 36.57
CHB CLA V . 19.31 -25.73 37.37
CHC CLA V . 20.99 -27.14 33.04
CHD CLA V . 16.76 -29.49 32.16
NA CLA V . 17.30 -26.95 36.65
C1A CLA V . 16.05 -27.22 37.21
C2A CLA V . 15.88 -26.46 38.56
C3A CLA V . 17.27 -25.79 38.78
C4A CLA V . 18.01 -26.14 37.50
CMA CLA V . 17.15 -24.31 39.00
CAA CLA V . 15.40 -27.18 39.81
NB CLA V . 19.82 -26.62 35.15
C1B CLA V . 20.15 -25.97 36.28
C2B CLA V . 21.57 -25.52 36.21
C3B CLA V . 22.05 -25.92 35.00
C4B CLA V . 20.94 -26.61 34.29
CMB CLA V . 22.21 -24.78 37.28
CAB CLA V . 23.35 -25.71 34.42
CBB CLA V . 24.22 -26.66 34.09
NC CLA V . 18.74 -28.19 32.94
C1C CLA V . 19.95 -27.87 32.41
C2C CLA V . 20.07 -28.43 31.07
C3C CLA V . 18.88 -29.11 30.83
C4C CLA V . 18.05 -28.95 32.00
CMC CLA V . 21.24 -28.28 30.21
CAC CLA V . 18.53 -29.85 29.61
CBC CLA V . 17.93 -28.93 28.58
ND CLA V . 16.37 -28.52 34.38
C1D CLA V . 15.97 -29.29 33.26
C2D CLA V . 14.64 -29.85 33.54
C3D CLA V . 14.31 -29.46 34.81
C4D CLA V . 15.42 -28.60 35.29
CMD CLA V . 13.89 -30.71 32.62
CAD CLA V . 13.32 -29.50 35.87
OBD CLA V . 12.27 -30.12 35.91
CBD CLA V . 13.83 -28.58 37.01
CGD CLA V . 12.90 -27.45 37.33
O1D CLA V . 12.29 -27.25 38.39
O2D CLA V . 12.75 -26.53 36.34
MG CLA W . 14.31 -24.75 14.67
CHA CLA W . 14.59 -24.30 11.25
CHB CLA W . 15.91 -21.81 15.19
CHC CLA W . 13.93 -25.23 18.04
CHD CLA W . 12.61 -27.78 14.06
NA CLA W . 15.11 -23.31 13.40
C1A CLA W . 15.13 -23.29 12.00
C2A CLA W . 15.81 -22.02 11.49
C3A CLA W . 16.26 -21.29 12.77
C4A CLA W . 15.72 -22.19 13.88
CMA CLA W . 17.75 -21.11 12.83
CAA CLA W . 14.84 -21.10 10.77
NB CLA W . 14.82 -23.71 16.30
C1B CLA W . 15.48 -22.54 16.31
C2B CLA W . 15.69 -22.10 17.72
C3B CLA W . 15.14 -23.06 18.52
C4B CLA W . 14.57 -24.10 17.63
CMB CLA W . 16.39 -20.86 18.06
CAB CLA W . 15.05 -23.16 19.95
CBB CLA W . 14.57 -22.22 20.77
NC CLA W . 13.45 -26.25 15.83
C1C CLA W . 13.41 -26.24 17.20
C2C CLA W . 12.73 -27.43 17.68
C3C CLA W . 12.34 -28.15 16.56
C4C CLA W . 12.80 -27.39 15.40
CMC CLA W . 12.51 -27.73 19.09
CAC CLA W . 11.62 -29.42 16.54
CBC CLA W . 12.49 -30.61 16.21
ND CLA W . 13.74 -25.85 13.07
C1D CLA W . 13.03 -27.07 12.97
C2D CLA W . 12.86 -27.41 11.54
C3D CLA W . 13.46 -26.39 10.84
C4D CLA W . 13.98 -25.43 11.84
CMD CLA W . 12.18 -28.60 11.03
CAD CLA W . 13.77 -25.85 9.53
OBD CLA W . 13.52 -26.31 8.43
CBD CLA W . 14.49 -24.49 9.77
CGD CLA W . 15.86 -24.52 9.16
O1D CLA W . 16.65 -25.46 9.11
O2D CLA W . 16.23 -23.33 8.60
CED CLA W . 15.44 -22.83 7.53
MG CLA X . 23.18 -40.06 12.25
CHA CLA X . 25.93 -38.79 10.58
CHB CLA X . 23.80 -43.12 10.94
CHC CLA X . 20.47 -41.29 13.96
CHD CLA X . 22.59 -36.86 13.62
NA CLA X . 24.65 -40.80 10.97
C1A CLA X . 25.72 -40.13 10.38
C2A CLA X . 26.55 -41.06 9.52
C3A CLA X . 25.83 -42.42 9.66
C4A CLA X . 24.68 -42.11 10.60
CMA CLA X . 25.36 -42.94 8.33
CAA CLA X . 27.98 -41.23 10.03
NB CLA X . 22.31 -41.86 12.44
C1B CLA X . 22.70 -42.97 11.78
C2B CLA X . 21.74 -44.07 12.05
C3B CLA X . 20.78 -43.58 12.90
C4B CLA X . 21.14 -42.15 13.16
CMB CLA X . 21.90 -45.39 11.44
CAB CLA X . 19.62 -44.19 13.49
CBB CLA X . 19.50 -45.45 13.89
NC CLA X . 21.80 -39.23 13.56
C1C CLA X . 20.78 -39.91 14.16
C2C CLA X . 20.05 -39.03 15.04
C3C CLA X . 20.64 -37.78 14.93
C4C CLA X . 21.74 -37.91 14.00
CMC CLA X . 18.92 -39.42 15.88
CAC CLA X . 20.31 -36.55 15.65
CBC CLA X . 21.04 -36.55 16.98
ND CLA X . 24.00 -38.22 12.15
C1D CLA X . 23.64 -36.98 12.74
C2D CLA X . 24.59 -35.94 12.29
C3D CLA X . 25.50 -36.59 11.48
C4D CLA X . 25.08 -38.00 11.42
CMD CLA X . 24.53 -34.53 12.67
CAD CLA X . 26.68 -36.47 10.67
OBD CLA X . 27.41 -35.50 10.48
CBD CLA X . 26.97 -37.86 10.03
CGD CLA X . 26.92 -37.81 8.53
MG CLA Y . 15.05 -50.15 11.88
CHA CLA Y . 17.56 -51.33 9.82
CHB CLA Y . 17.38 -48.73 13.89
CHC CLA Y . 12.52 -49.15 13.97
CHD CLA Y . 12.66 -51.68 9.76
NA CLA Y . 17.14 -50.04 11.83
C1A CLA Y . 17.99 -50.60 10.88
C2A CLA Y . 19.45 -50.28 11.20
C3A CLA Y . 19.35 -49.36 12.43
C4A CLA Y . 17.86 -49.37 12.77
CMA CLA Y . 20.15 -49.90 13.57
NB CLA Y . 14.95 -49.00 13.52
C1B CLA Y . 16.03 -48.72 14.30
C2B CLA Y . 15.61 -48.44 15.70
C3B CLA Y . 14.24 -48.56 15.72
C4B CLA Y . 13.81 -48.91 14.34
CMB CLA Y . 16.55 -48.12 16.76
CAB CLA Y . 13.31 -48.44 16.81
NC CLA Y . 12.97 -50.33 11.83
C1C CLA Y . 12.13 -49.82 12.77
C2C CLA Y . 10.75 -50.09 12.41
C3C CLA Y . 10.78 -50.85 11.25
C4C CLA Y . 12.19 -51.00 10.89
CMC CLA Y . 9.56 -49.66 13.18
CAC CLA Y . 9.63 -51.38 10.49
ND CLA Y . 15.04 -51.32 10.23
C1D CLA Y . 13.99 -51.84 9.44
C2D CLA Y . 14.58 -52.55 8.28
C3D CLA Y . 15.94 -52.41 8.39
C4D CLA Y . 16.18 -51.60 9.60
CMD CLA Y . 13.80 -53.26 7.27
CAD CLA Y . 17.24 -52.70 7.80
OBD CLA Y . 17.51 -53.38 6.81
CBD CLA Y . 18.31 -51.99 8.67
MG CLA Z . -5.14 -43.94 12.28
CHA CLA Z . -8.34 -43.56 13.58
CHB CLA Z . -4.36 -46.03 14.84
CHC CLA Z . -1.99 -44.29 10.95
CHD CLA Z . -6.02 -41.79 9.61
NA CLA Z . -6.20 -44.66 13.93
C1A CLA Z . -7.53 -44.40 14.30
C2A CLA Z . -7.89 -45.15 15.59
C3A CLA Z . -6.59 -45.87 15.98
C4A CLA Z . -5.63 -45.52 14.85
CMA CLA Z . -6.08 -45.48 17.34
CAA CLA Z . -8.98 -46.18 15.38
NB CLA Z . -3.46 -44.90 12.83
C1B CLA Z . -3.38 -45.78 13.86
C2B CLA Z . -2.07 -46.48 13.82
C3B CLA Z . -1.39 -46.00 12.72
C4B CLA Z . -2.28 -44.98 12.08
CMB CLA Z . -1.69 -47.51 14.79
CAB CLA Z . -0.10 -46.34 12.22
NC CLA Z . -4.19 -43.17 10.60
C1C CLA Z . -2.89 -43.44 10.25
C2C CLA Z . -2.54 -42.74 9.02
C3C CLA Z . -3.68 -42.03 8.63
C4C CLA Z . -4.71 -42.31 9.63
CMC CLA Z . -1.23 -42.79 8.36
CAC CLA Z . -3.82 -41.17 7.44
CBC CLA Z . -4.34 -41.93 6.25
ND CLA Z . -6.78 -42.95 11.64
C1D CLA Z . -6.99 -42.07 10.54
C2D CLA Z . -8.38 -41.55 10.61
C3D CLA Z . -8.94 -42.09 11.75
C4D CLA Z . -7.91 -42.94 12.36
CMD CLA Z . -8.97 -40.65 9.63
CAD CLA Z . -10.12 -42.18 12.57
OBD CLA Z . -11.23 -41.67 12.42
CBD CLA Z . -9.77 -43.09 13.80
MG CLA AA . 4.70 -26.71 25.49
CHA CLA AA . 6.31 -28.90 23.42
CHB CLA AA . 6.14 -28.20 28.18
CHC CLA AA . 3.07 -24.46 27.53
CHD CLA AA . 3.21 -25.21 22.67
NA CLA AA . 6.02 -28.30 25.73
C1A CLA AA . 6.57 -29.09 24.73
C2A CLA AA . 7.50 -30.17 25.30
C3A CLA AA . 7.47 -29.88 26.82
C4A CLA AA . 6.47 -28.72 26.95
CMA CLA AA . 7.08 -31.09 27.63
NB CLA AA . 4.63 -26.38 27.47
C1B CLA AA . 5.26 -27.12 28.40
C2B CLA AA . 4.89 -26.62 29.75
C3B CLA AA . 4.03 -25.56 29.57
C4B CLA AA . 3.86 -25.39 28.12
CMB CLA AA . 5.41 -27.21 30.97
CAB CLA AA . 3.37 -24.73 30.56
NC CLA AA . 3.38 -25.14 25.16
C1C CLA AA . 2.84 -24.36 26.14
C2C CLA AA . 1.97 -23.38 25.55
C3C CLA AA . 2.01 -23.60 24.18
C4C CLA AA . 2.91 -24.70 23.94
CMC CLA AA . 1.20 -22.38 26.30
CAC CLA AA . 1.31 -22.87 23.12
ND CLA AA . 4.71 -26.95 23.50
C1D CLA AA . 4.05 -26.27 22.44
C2D CLA AA . 4.43 -26.88 21.16
C3D CLA AA . 5.29 -27.92 21.48
C4D CLA AA . 5.42 -27.90 22.94
CMD CLA AA . 3.96 -26.45 19.84
CAD CLA AA . 6.12 -28.98 20.97
OBD CLA AA . 6.33 -29.32 19.83
CBD CLA AA . 6.75 -29.66 22.23
CGD CLA AA . 6.12 -31.00 22.46
C A86 BA . 4.05 -15.41 13.48
O A86 BA . 8.33 -5.97 6.26
C1 A86 BA . 3.98 -14.26 14.44
C10 A86 BA . 7.65 -8.64 7.96
C11 A86 BA . 8.22 -7.43 7.97
C12 A86 BA . 8.20 -6.59 9.19
C13 A86 BA . 8.89 -6.91 6.79
C14 A86 BA . 10.15 -7.54 6.22
C15 A86 BA . 10.57 -6.71 5.06
C16 A86 BA . 10.79 -7.13 3.58
C17 A86 BA . 11.26 -6.00 2.64
C18 A86 BA . 11.81 -4.82 3.44
C19 A86 BA . 12.81 -5.17 4.58
C2 A86 BA . 4.50 -13.05 14.17
C20 A86 BA . 11.99 -6.21 5.36
C21 A86 BA . 12.72 -6.39 6.74
C22 A86 BA . 9.72 -7.93 2.87
C23 A86 BA . 11.78 -8.29 3.58
C24 A86 BA . 3.38 -14.46 15.77
C25 A86 BA . 2.83 -15.62 16.10
C26 A86 BA . 2.25 -15.70 17.43
C27 A86 BA . 1.65 -16.81 17.87
C28 A86 BA . 1.64 -18.06 17.04
C29 A86 BA . 1.10 -16.79 19.23
C3 A86 BA . 5.12 -12.66 12.90
C30 A86 BA . 0.41 -17.75 19.65
C31 A86 BA . -0.29 -18.59 20.27
C32 A86 BA . -0.10 -20.08 20.10
C33 A86 BA . -0.75 -20.76 21.28
C34 A86 BA . -0.99 -19.87 22.47
C35 A86 BA . -2.12 -19.14 21.76
C36 A86 BA . -1.51 -18.04 20.91
C37 A86 BA . -2.47 -17.63 19.80
C38 A86 BA . -2.16 -20.02 24.53
C39 A86 BA . -3.60 -20.23 24.88
C4 A86 BA . 5.70 -11.45 12.80
C40 A86 BA . 1.38 -20.05 20.43
C41 A86 BA . -0.45 -20.63 18.72
C5 A86 BA . 6.32 -10.98 11.56
C6 A86 BA . 5.66 -10.65 10.44
C7 A86 BA . 4.17 -10.55 10.42
C8 A86 BA . 6.34 -10.20 9.21
C9 A86 BA . 7.00 -9.06 9.19
O1 A86 BA . 10.87 -5.40 5.63
O2 A86 BA . 12.41 -3.87 2.55
O3 A86 BA . -1.19 -16.89 21.70
O4 A86 BA . -1.51 -20.76 23.46
O5 A86 BA . -1.46 -19.23 25.13
C A86 CA . -1.13 3.73 -4.13
O A86 CA . 0.56 0.05 8.10
C1 A86 CA . 0.31 3.35 -4.23
C10 A86 CA . 0.22 0.29 4.81
C11 A86 CA . 0.70 -0.33 5.87
C12 A86 CA . 2.04 -1.02 5.85
C13 A86 CA . -0.05 -0.29 7.12
C14 A86 CA . -1.50 -0.69 7.22
C15 A86 CA . -1.98 -0.55 8.68
C16 A86 CA . -2.53 0.86 9.10
C17 A86 CA . -2.85 0.95 10.57
C18 A86 CA . -3.85 -0.12 10.89
C19 A86 CA . -3.21 -1.45 10.73
C2 A86 CA . 0.98 2.82 -3.21
C20 A86 CA . -2.53 -1.78 9.45
C21 A86 CA . -2.00 -3.17 9.26
C22 A86 CA . -3.79 1.12 8.30
C23 A86 CA . -1.68 2.10 8.80
C24 A86 CA . 1.06 3.52 -5.47
C25 A86 CA . 0.53 3.97 -6.61
C26 A86 CA . 1.44 4.07 -7.75
C27 A86 CA . 0.99 4.49 -8.93
C28 A86 CA . -0.48 4.76 -9.06
C29 A86 CA . 1.87 4.59 -10.10
C3 A86 CA . 0.34 2.58 -1.93
C30 A86 CA . 1.35 5.17 -11.07
C31 A86 CA . 0.83 5.73 -12.05
C32 A86 CA . 0.86 7.25 -11.97
C33 A86 CA . -0.36 7.84 -12.63
C34 A86 CA . -0.35 7.41 -14.08
C35 A86 CA . -0.48 5.90 -14.11
C36 A86 CA . 0.60 5.11 -13.39
C37 A86 CA . -0.02 3.75 -13.15
C38 A86 CA . -1.60 7.95 -16.18
C39 A86 CA . -0.41 7.72 -17.06
C4 A86 CA . 1.05 1.99 -0.98
C40 A86 CA . 0.84 7.76 -10.56
C41 A86 CA . 2.14 7.76 -12.62
C5 A86 CA . 0.45 1.75 0.31
C6 A86 CA . 1.10 1.12 1.28
C7 A86 CA . 2.51 0.65 1.11
C8 A86 CA . 0.41 0.96 2.56
C9 A86 CA . 0.98 0.33 3.58
O1 A86 CA . -3.09 -1.33 8.24
O2 A86 CA . -4.28 0.00 12.24
O3 A86 CA . 1.78 4.95 -14.18
O4 A86 CA . -1.49 7.99 -14.73
O5 A86 CA . -2.67 8.29 -16.67
C DD6 DA . -3.85 -10.05 -3.19
C1 DD6 DA . -4.09 -9.93 -1.72
C10 DD6 DA . 4.45 -14.71 0.61
C11 DD6 DA . 5.56 -14.97 1.30
C12 DD6 DA . 5.74 -14.36 2.65
C13 DD6 DA . 6.62 -15.85 0.77
C14 DD6 DA . 7.87 -15.70 1.18
C15 DD6 DA . 9.02 -16.57 0.69
C16 DD6 DA . 9.78 -16.20 -0.58
C17 DD6 DA . 10.40 -17.45 -1.20
C18 DD6 DA . 11.22 -18.17 -0.16
C19 DD6 DA . 10.27 -18.88 0.79
C2 DD6 DA . -3.18 -10.39 -0.83
C20 DD6 DA . 9.33 -17.87 1.44
C21 DD6 DA . 8.39 -18.33 2.55
C22 DD6 DA . 8.90 -15.51 -1.59
C23 DD6 DA . 10.91 -15.26 -0.22
C24 DD6 DA . -5.33 -9.32 -1.19
C25 DD6 DA . -6.31 -8.90 -1.98
C26 DD6 DA . -7.47 -8.32 -1.30
C27 DD6 DA . -8.65 -8.13 -1.91
C28 DD6 DA . -8.83 -8.54 -3.33
C29 DD6 DA . -9.61 -7.65 -1.27
C3 DD6 DA . -1.94 -11.05 -1.23
C30 DD6 DA . -10.52 -7.18 -0.67
C31 DD6 DA . -11.44 -6.68 0.03
C32 DD6 DA . -12.53 -7.60 0.53
C33 DD6 DA . -13.74 -6.81 1.02
C34 DD6 DA . -13.30 -5.66 1.91
C35 DD6 DA . -12.56 -4.70 0.99
C36 DD6 DA . -11.39 -5.40 0.37
C37 DD6 DA . -10.11 -4.68 0.11
C4 DD6 DA . -1.18 -11.56 -0.26
C40 DD6 DA . -12.99 -8.51 -0.59
C41 DD6 DA . -12.01 -8.44 1.71
C5 DD6 DA . 0.06 -12.27 -0.53
C6 DD6 DA . 0.86 -12.65 0.49
C7 DD6 DA . 0.50 -12.32 1.90
C8 DD6 DA . 2.10 -13.40 0.25
C9 DD6 DA . 3.21 -13.96 0.74
O1 DD6 DA . 9.98 -16.64 1.76
O2 DD6 DA . 12.06 -19.15 -0.81
O4 DD6 DA . -14.43 -4.96 2.43
MG CLA EA . 13.70 -0.78 3.29
CHA CLA EA . 13.55 0.83 0.23
CHB CLA EA . 17.09 -0.55 3.26
CHC CLA EA . 13.76 -2.31 6.36
CHD CLA EA . 10.18 -1.14 3.23
NA CLA EA . 15.07 0.03 1.95
C1A CLA EA . 14.81 0.67 0.72
C2A CLA EA . 16.11 1.12 0.07
C3A CLA EA . 17.21 0.61 1.03
C4A CLA EA . 16.42 0.00 2.18
CMA CLA EA . 18.12 -0.38 0.36
CAA CLA EA . 16.20 2.64 0.01
NB CLA EA . 15.15 -1.37 4.55
C1B CLA EA . 16.49 -1.16 4.37
C2B CLA EA . 17.21 -1.69 5.56
C3B CLA EA . 16.28 -2.18 6.43
C4B CLA EA . 14.95 -1.97 5.81
CMB CLA EA . 18.66 -1.61 5.75
CAB CLA EA . 16.46 -2.77 7.73
NC CLA EA . 12.22 -1.53 4.57
C1C CLA EA . 12.47 -2.07 5.80
C2C CLA EA . 11.22 -2.45 6.45
C3C CLA EA . 10.20 -2.19 5.54
C4C CLA EA . 10.85 -1.60 4.36
CMC CLA EA . 11.11 -3.02 7.79
ND CLA EA . 12.17 -0.20 2.13
C1D CLA EA . 10.78 -0.49 2.18
C2D CLA EA . 10.13 0.06 0.98
C3D CLA EA . 11.14 0.64 0.23
C4D CLA EA . 12.39 0.39 0.95
CMD CLA EA . 8.69 0.02 0.74
CAD CLA EA . 11.47 1.37 -0.97
OBD CLA EA . 10.72 1.93 -1.75
CBD CLA EA . 13.03 1.39 -1.08
MG CLA FA . 8.62 -12.37 -3.17
CHA CLA FA . 11.93 -12.33 -4.19
CHB CLA FA . 7.74 -13.78 -6.11
CHC CLA FA . 5.37 -12.40 -2.10
CHD CLA FA . 9.60 -10.91 -0.11
NA CLA FA . 9.69 -12.94 -4.87
C1A CLA FA . 11.07 -12.87 -5.09
C2A CLA FA . 11.43 -13.39 -6.48
C3A CLA FA . 10.05 -13.68 -7.10
C4A CLA FA . 9.07 -13.47 -5.95
CMA CLA FA . 9.81 -12.68 -8.19
CAA CLA FA . 12.24 -14.67 -6.41
CBA CLA FA . 11.73 -15.60 -5.34
NB CLA FA . 6.89 -13.00 -3.94
C1B CLA FA . 6.73 -13.58 -5.16
C2B CLA FA . 5.31 -13.95 -5.36
C3B CLA FA . 4.63 -13.56 -4.24
C4B CLA FA . 5.63 -12.93 -3.32
CMB CLA FA . 4.80 -14.58 -6.57
CAB CLA FA . 3.23 -13.69 -3.93
CBB CLA FA . 2.40 -12.69 -3.59
NC CLA FA . 7.67 -11.74 -1.43
C1C CLA FA . 6.33 -11.82 -1.22
C2C CLA FA . 6.00 -11.26 0.08
C3C CLA FA . 7.19 -10.90 0.67
C4C CLA FA . 8.24 -11.20 -0.28
CMC CLA FA . 4.68 -11.11 0.67
CAC CLA FA . 7.30 -10.29 1.99
CBC CLA FA . 7.69 -11.32 3.02
ND CLA FA . 10.32 -11.68 -2.32
C1D CLA FA . 10.57 -11.11 -1.04
C2D CLA FA . 12.01 -10.80 -0.95
C3D CLA FA . 12.58 -11.23 -2.14
C4D CLA FA . 11.48 -11.80 -2.93
CMD CLA FA . 12.61 -10.15 0.21
CAD CLA FA . 13.79 -11.32 -2.92
OBD CLA FA . 14.91 -10.90 -2.68
CBD CLA FA . 13.42 -12.12 -4.22
CGD CLA FA . 13.82 -11.43 -5.50
O1D CLA FA . 13.16 -10.64 -6.18
O2D CLA FA . 15.07 -11.76 -5.94
MG CLA GA . -2.73 -16.21 -4.79
CHA CLA GA . -1.87 -17.91 -7.68
CHB CLA GA . 0.14 -17.28 -3.34
CHC CLA GA . -3.60 -14.47 -1.96
CHD CLA GA . -5.66 -15.08 -6.38
NA CLA GA . -1.15 -17.42 -5.43
C1A CLA GA . -0.98 -18.03 -6.67
C2A CLA GA . 0.32 -18.82 -6.74
C3A CLA GA . 0.95 -18.60 -5.34
C4A CLA GA . -0.08 -17.71 -4.63
NB CLA GA . -1.87 -15.89 -3.00
C1B CLA GA . -0.72 -16.47 -2.57
C2B CLA GA . -0.48 -16.12 -1.15
C3B CLA GA . -1.54 -15.33 -0.75
C4B CLA GA . -2.44 -15.18 -1.93
CMB CLA GA . 0.67 -16.59 -0.40
CAB CLA GA . -1.82 -14.74 0.53
NC CLA GA . -4.34 -15.01 -4.27
C1C CLA GA . -4.49 -14.39 -3.06
C2C CLA GA . -5.74 -13.62 -3.04
C3C CLA GA . -6.32 -13.78 -4.29
C4C CLA GA . -5.44 -14.65 -5.06
CMC CLA GA . -6.22 -12.84 -1.90
ND CLA GA . -3.65 -16.45 -6.56
C1D CLA GA . -4.84 -15.91 -7.10
C2D CLA GA . -5.00 -16.39 -8.48
C3D CLA GA . -3.90 -17.17 -8.76
C4D CLA GA . -3.08 -17.16 -7.53
CMD CLA GA . -6.13 -16.07 -9.35
CAD CLA GA . -3.21 -17.98 -9.74
OBD CLA GA . -3.54 -18.27 -10.89
CBD CLA GA . -1.88 -18.46 -9.09
CGD CLA GA . -1.78 -19.97 -9.08
MG CLA HA . -13.81 0.28 -2.07
CHA CLA HA . -17.11 0.57 -1.05
CHB CLA HA . -14.21 -3.07 -2.38
CHC CLA HA . -10.52 0.03 -3.01
CHD CLA HA . -13.45 3.77 -1.76
NA CLA HA . -15.43 -1.01 -1.78
C1A CLA HA . -16.71 -0.71 -1.33
C2A CLA HA . -17.58 -1.95 -1.29
C3A CLA HA . -16.63 -3.09 -1.73
C4A CLA HA . -15.32 -2.35 -2.00
CMA CLA HA . -16.49 -4.13 -0.65
CAA CLA HA . -18.69 -1.86 -2.33
CBA CLA HA . -18.25 -2.10 -3.77
CGA CLA HA . -17.43 -0.96 -4.30
O1A CLA HA . -17.69 0.25 -4.30
O2A CLA HA . -16.23 -1.36 -4.80
NB CLA HA . -12.59 -1.24 -2.57
C1B CLA HA . -12.94 -2.54 -2.65
C2B CLA HA . -11.78 -3.35 -3.05
C3B CLA HA . -10.72 -2.49 -3.24
C4B CLA HA . -11.24 -1.12 -2.94
CMB CLA HA . -11.90 -4.80 -3.22
CAB CLA HA . -9.36 -2.68 -3.65
CBB CLA HA . -8.62 -3.78 -3.51
NC CLA HA . -12.27 1.66 -2.34
C1C CLA HA . -11.01 1.33 -2.72
C2C CLA HA . -10.19 2.53 -2.80
C3C CLA HA . -11.01 3.60 -2.46
C4C CLA HA . -12.32 3.04 -2.15
CMC CLA HA . -8.79 2.57 -3.20
CAC CLA HA . -10.63 5.01 -2.39
CBC CLA HA . -10.90 5.75 -3.69
ND CLA HA . -14.97 1.86 -1.63
C1D CLA HA . -14.68 3.24 -1.48
C2D CLA HA . -15.91 3.95 -1.09
C3D CLA HA . -16.86 2.97 -0.94
C4D CLA HA . -16.23 1.68 -1.25
CMD CLA HA . -16.04 5.39 -0.92
CAD CLA HA . -18.25 2.70 -0.71
OBD CLA HA . -19.18 3.49 -0.72
CBD CLA HA . -18.41 1.16 -0.56
C1 CLA HA . -15.38 -0.33 -5.34
MG CLA IA . -5.74 -12.46 -12.78
CHA CLA IA . -2.50 -13.51 -12.56
CHB CLA IA . -5.90 -13.73 -15.94
CHC CLA IA . -9.01 -11.51 -12.93
CHD CLA IA . -5.45 -10.96 -9.59
NA CLA IA . -4.40 -13.47 -14.02
C1A CLA IA . -3.09 -13.82 -13.73
C2A CLA IA . -2.41 -14.52 -14.90
C3A CLA IA . -3.50 -14.52 -15.99
C4A CLA IA . -4.69 -13.87 -15.29
CMA CLA IA . -3.07 -13.74 -17.21
CAA CLA IA . -2.00 -15.91 -14.47
NB CLA IA . -7.15 -12.49 -14.20
C1B CLA IA . -7.05 -13.17 -15.39
C2B CLA IA . -8.38 -13.28 -16.02
C3B CLA IA . -9.28 -12.66 -15.18
C4B CLA IA . -8.51 -12.16 -14.01
CMB CLA IA . -8.61 -13.96 -17.29
CAB CLA IA . -10.69 -12.53 -15.35
CBB CLA IA . -11.62 -13.09 -14.55
NC CLA IA . -7.01 -11.44 -11.47
C1C CLA IA . -8.32 -11.18 -11.73
C2C CLA IA . -8.91 -10.48 -10.61
C3C CLA IA . -7.90 -10.29 -9.67
C4C CLA IA . -6.69 -10.88 -10.23
CMC CLA IA . -10.31 -10.07 -10.52
CAC CLA IA . -8.01 -9.61 -8.37
CBC CLA IA . -7.87 -8.11 -8.49
ND CLA IA . -4.39 -12.38 -11.29
C1D CLA IA . -4.37 -11.66 -10.07
C2D CLA IA . -3.04 -11.80 -9.45
C3D CLA IA . -2.29 -12.59 -10.32
C4D CLA IA . -3.16 -12.85 -11.48
CMD CLA IA . -2.67 -11.24 -8.16
CAD CLA IA . -0.99 -13.18 -10.58
OBD CLA IA . -0.07 -12.75 -11.27
MG CLA JA . 3.44 1.45 -10.24
CHA CLA JA . 3.83 1.56 -13.68
CHB CLA JA . 6.57 2.61 -9.81
CHC CLA JA . 2.98 1.19 -6.86
CHD CLA JA . 0.07 0.57 -10.74
NA CLA JA . 4.96 1.94 -11.56
C1A CLA JA . 4.93 1.95 -12.96
C2A CLA JA . 6.26 2.41 -13.53
C3A CLA JA . 7.13 2.63 -12.27
C4A CLA JA . 6.17 2.38 -11.11
CMA CLA JA . 8.28 1.66 -12.28
CAA CLA JA . 6.15 3.74 -14.25
NB CLA JA . 4.59 1.81 -8.63
C1B CLA JA . 5.81 2.38 -8.65
C2B CLA JA . 6.23 2.67 -7.25
C3B CLA JA . 5.22 2.26 -6.42
C4B CLA JA . 4.17 1.67 -7.29
CMB CLA JA . 7.51 3.28 -6.88
CAB CLA JA . 5.10 2.27 -4.99
CBB CLA JA . 5.17 3.33 -4.19
NC CLA JA . 1.83 0.94 -9.03
C1C CLA JA . 1.87 0.86 -7.67
C2C CLA JA . 0.59 0.39 -7.18
C3C CLA JA . -0.26 0.35 -8.29
C4C CLA JA . 0.53 0.69 -9.43
CMC CLA JA . 0.29 0.11 -5.78
CAC CLA JA . -1.67 -0.03 -8.39
CBC CLA JA . -2.59 1.15 -8.66
ND CLA JA . 2.21 1.05 -11.79
C1D CLA JA . 0.85 0.66 -11.85
C2D CLA JA . 0.44 0.48 -13.25
C3D CLA JA . 1.56 0.78 -14.00
C4D CLA JA . 2.62 1.17 -13.04
CMD CLA JA . -0.88 0.04 -13.68
CAD CLA JA . 2.11 0.93 -15.32
OBD CLA JA . 1.58 0.72 -16.41
CBD CLA JA . 3.57 1.44 -15.15
CGD CLA JA . 4.53 0.49 -15.79
O1D CLA JA . 4.90 -0.60 -15.35
O2D CLA JA . 5.02 0.92 -16.97
MG CLA KA . 7.02 5.55 0.65
CHA CLA KA . 9.94 6.35 -1.05
CHB CLA KA . 5.20 6.80 -1.92
CHC CLA KA . 4.17 4.55 2.27
CHD CLA KA . 8.98 4.12 3.22
NA CLA KA . 7.52 6.47 -1.16
C1A CLA KA . 8.78 6.68 -1.71
C2A CLA KA . 8.68 7.36 -3.08
C3A CLA KA . 7.17 7.55 -3.27
C4A CLA KA . 6.57 6.90 -2.04
CMA CLA KA . 6.79 9.00 -3.38
CAA CLA KA . 9.18 6.47 -4.21
NB CLA KA . 5.06 5.64 0.25
C1B CLA KA . 4.51 6.22 -0.84
C2B CLA KA . 3.04 6.22 -0.75
C3B CLA KA . 2.71 5.58 0.43
C4B CLA KA . 4.00 5.21 1.08
CMB CLA KA . 2.16 6.78 -1.77
CAB CLA KA . 1.35 5.35 0.90
CBB CLA KA . 0.91 4.63 1.93
NC CLA KA . 6.65 4.56 2.43
C1C CLA KA . 5.40 4.24 2.90
C2C CLA KA . 5.50 3.51 4.16
C3C CLA KA . 6.86 3.39 4.44
C4C CLA KA . 7.58 4.04 3.35
CMC CLA KA . 4.37 3.01 4.92
ND CLA KA . 8.98 5.37 1.11
C1D CLA KA . 9.64 4.73 2.19
C2D CLA KA . 11.10 4.84 1.98
C3D CLA KA . 11.27 5.46 0.77
C4D CLA KA . 9.92 5.74 0.25
CMD CLA KA . 12.10 4.34 2.92
CAD CLA KA . 12.23 5.95 -0.20
OBD CLA KA . 13.45 5.97 -0.15
CBD CLA KA . 11.40 6.47 -1.42
MG CLA LA . 0.43 -8.61 13.89
CHA CLA LA . -0.39 -8.77 17.25
CHB CLA LA . 0.55 -5.24 14.06
CHC CLA LA . 1.16 -8.51 10.54
CHD CLA LA . 0.21 -12.13 13.71
NA CLA LA . 0.15 -7.25 15.43
C1A CLA LA . -0.20 -7.50 16.77
C2A CLA LA . -0.33 -6.20 17.56
C3A CLA LA . -0.12 -5.11 16.49
C4A CLA LA . 0.23 -5.91 15.24
CMA CLA LA . -1.39 -4.35 16.27
CAA CLA LA . 0.74 -6.05 18.63
NB CLA LA . 0.80 -7.16 12.56
C1B CLA LA . 0.86 -5.84 12.84
C2B CLA LA . 1.32 -5.09 11.63
C3B CLA LA . 1.49 -6.01 10.64
C4B CLA LA . 1.16 -7.34 11.21
CMB CLA LA . 1.48 -3.65 11.60
CAB CLA LA . 1.88 -5.85 9.27
CBB CLA LA . 3.06 -5.40 8.87
NC CLA LA . 0.62 -10.05 12.40
C1C CLA LA . 0.88 -9.78 11.09
C2C CLA LA . 0.86 -11.01 10.29
C3C CLA LA . 0.66 -12.04 11.21
C4C CLA LA . 0.50 -11.43 12.53
CMC CLA LA . 1.04 -11.10 8.85
CAC CLA LA . 0.55 -13.46 10.86
CBC CLA LA . 1.88 -14.15 10.92
ND CLA LA . 0.04 -10.15 15.14
C1D CLA LA . -0.01 -11.54 14.94
C2D CLA LA . -0.35 -12.19 16.22
C3D CLA LA . -0.53 -11.18 17.14
C4D CLA LA . -0.26 -9.92 16.42
CMD CLA LA . -0.50 -13.64 16.41
CAD CLA LA . -0.84 -10.83 18.51
OBD CLA LA . -1.13 -11.56 19.45
CBD CLA LA . -0.78 -9.27 18.61
CGD CLA LA . -2.11 -8.70 19.01
O1D CLA LA . -2.87 -8.02 18.31
O2D CLA LA . -2.48 -8.98 20.29
MG CLA MA . -6.70 -16.77 13.61
CHA CLA MA . -9.33 -18.03 15.49
CHB CLA MA . -4.55 -17.61 16.07
CHC CLA MA . -4.14 -15.49 11.72
CHD CLA MA . -9.01 -15.75 11.15
NA CLA MA . -6.93 -17.71 15.45
C1A CLA MA . -8.10 -18.15 16.06
C2A CLA MA . -7.81 -18.77 17.44
C3A CLA MA . -6.30 -18.51 17.63
C4A CLA MA . -5.86 -17.92 16.29
CMA CLA MA . -6.05 -17.56 18.77
CAA CLA MA . -8.07 -20.26 17.47
CBA CLA MA . -7.65 -20.95 16.19
NB CLA MA . -4.73 -16.55 13.87
C1B CLA MA . -4.03 -17.04 14.91
C2B CLA MA . -2.58 -16.88 14.65
C3B CLA MA . -2.45 -16.28 13.42
C4B CLA MA . -3.82 -16.07 12.91
CMB CLA MA . -1.56 -17.31 15.59
CAB CLA MA . -1.27 -15.92 12.71
CBB CLA MA . -0.82 -16.59 11.65
NC CLA MA . -6.60 -15.82 11.76
C1C CLA MA . -5.44 -15.38 11.18
C2C CLA MA . -5.74 -14.74 9.91
C3C CLA MA . -7.11 -14.81 9.74
C4C CLA MA . -7.65 -15.49 10.91
CMC CLA MA . -4.74 -14.15 9.01
CAC CLA MA . -7.88 -14.28 8.61
CBC CLA MA . -8.12 -15.33 7.56
ND CLA MA . -8.68 -16.95 13.26
C1D CLA MA . -9.51 -16.43 12.23
C2D CLA MA . -10.91 -16.76 12.55
C3D CLA MA . -10.90 -17.40 13.77
C4D CLA MA . -9.49 -17.45 14.19
CMD CLA MA . -12.06 -16.44 11.69
CAD CLA MA . -11.69 -18.04 14.81
OBD CLA MA . -12.88 -18.31 14.83
CBD CLA MA . -10.71 -18.37 15.98
CGD CLA MA . -11.02 -17.60 17.23
O1D CLA MA . -11.25 -16.39 17.34
O2D CLA MA . -11.03 -18.37 18.35
MG CLA NA . -0.68 4.37 14.71
CHA CLA NA . -0.53 1.19 16.07
CHB CLA NA . -1.62 5.62 17.73
CHC CLA NA . -0.71 7.52 13.34
CHD CLA NA . 0.36 3.05 11.61
NA CLA NA . -1.06 3.51 16.58
C1A CLA NA . -0.92 2.17 16.95
C2A CLA NA . -1.30 1.98 18.43
C3A CLA NA . -1.79 3.38 18.86
C4A CLA NA . -1.48 4.25 17.65
CMA CLA NA . -3.27 3.39 19.19
CAA CLA NA . -0.13 1.56 19.28
CBA CLA NA . 1.14 2.31 18.92
NB CLA NA . -1.12 6.20 15.40
C1B CLA NA . -1.39 6.52 16.69
C2B CLA NA . -1.49 7.99 16.83
C3B CLA NA . -1.23 8.54 15.60
C4B CLA NA . -1.01 7.41 14.66
CMB CLA NA . -1.79 8.65 18.10
CAB CLA NA . -1.21 9.92 15.20
CBB CLA NA . -0.16 10.55 14.67
NC CLA NA . -0.28 5.12 12.81
C1C CLA NA . -0.37 6.44 12.47
C2C CLA NA . -0.03 6.62 11.07
C3C CLA NA . 0.29 5.36 10.58
C4C CLA NA . 0.13 4.43 11.68
CMC CLA NA . -0.02 7.90 10.36
CAC CLA NA . 0.69 5.02 9.21
CBC CLA NA . 2.18 4.80 9.07
ND CLA NA . -0.23 2.57 13.94
C1D CLA NA . 0.20 2.17 12.66
C2D CLA NA . 0.43 0.71 12.66
C3D CLA NA . 0.17 0.28 13.95
C4D CLA NA . -0.24 1.48 14.71
CMD CLA NA . 0.87 -0.04 11.49
CAD CLA NA . 0.10 -0.85 14.85
OBD CLA NA . 0.33 -2.03 14.64
CBD CLA NA . -0.32 -0.28 16.25
CGD CLA NA . -1.57 -0.93 16.77
MG CLA OA . -10.35 10.13 3.17
CHA CLA OA . -10.55 11.79 6.23
CHB CLA OA . -12.89 12.03 1.99
CHC CLA OA . -10.09 8.49 0.16
CHD CLA OA . -7.67 8.23 4.42
NA CLA OA . -11.54 11.63 4.01
C1A CLA OA . -11.47 12.20 5.29
C2A CLA OA . -12.51 13.29 5.46
C3A CLA OA . -13.29 13.26 4.14
C4A CLA OA . -12.54 12.24 3.30
CMA CLA OA . -14.72 12.84 4.36
CAA CLA OA . -11.89 14.66 5.62
NB CLA OA . -11.28 10.26 1.39
C1B CLA OA . -12.32 11.09 1.12
C2B CLA OA . -12.84 10.79 -0.25
C3B CLA OA . -12.05 9.80 -0.77
C4B CLA OA . -11.06 9.44 0.27
CMB CLA OA . -13.96 11.49 -0.85
CAB CLA OA . -12.12 9.15 -2.05
NC CLA OA . -9.10 8.63 2.43
C1C CLA OA . -9.16 8.12 1.17
C2C CLA OA . -8.12 7.10 1.01
C3C CLA OA . -7.45 7.01 2.22
C4C CLA OA . -8.08 7.97 3.12
CMC CLA OA . -7.85 6.34 -0.22
CAC CLA OA . -6.33 6.12 2.54
ND CLA OA . -9.35 9.95 4.91
C1D CLA OA . -8.26 9.14 5.28
C2D CLA OA . -7.86 9.47 6.66
C3D CLA OA . -8.72 10.46 7.07
C4D CLA OA . -9.61 10.74 5.95
CMD CLA OA . -6.76 8.83 7.39
CAD CLA OA . -9.07 11.36 8.15
OBD CLA OA . -8.56 11.50 9.25
CBD CLA OA . -10.27 12.23 7.64
#